data_6Y4R
#
_entry.id   6Y4R
#
_cell.length_a   96.845
_cell.length_b   78.835
_cell.length_c   96.968
_cell.angle_alpha   90.000
_cell.angle_beta   119.770
_cell.angle_gamma   90.000
#
_symmetry.space_group_name_H-M   'P 1 21 1'
#
loop_
_entity.id
_entity.type
_entity.pdbx_description
1 polymer 'DotU family type IV/VI secretion system protein'
2 water water
#
_entity_poly.entity_id   1
_entity_poly.type   'polypeptide(L)'
_entity_poly.pdbx_seq_one_letter_code
;AINLIDLLHDGFYLIFLIRNQYVPADPQRFREKILDLLNRFEQQAKKLQFSADDIHDAKYAFCALIDETIVTQQDPSYFN
LQNSWLISPLQLSLFGSQLAGYQFFEILEQLRSRGKERLAALEVFHYCLLLGFQGKYRIESIESLNHLVARVGDEIDYLK
G
;
_entity_poly.pdbx_strand_id   A,B,C,D,E,F
#
# COMPACT_ATOMS: atom_id res chain seq x y z
N ALA A 1 16.95 11.32 25.85
CA ALA A 1 17.04 12.23 24.71
C ALA A 1 16.55 11.59 23.41
N ILE A 2 16.51 10.26 23.41
CA ILE A 2 15.90 9.54 22.30
C ILE A 2 14.39 9.67 22.41
N ASN A 3 13.74 9.94 21.27
CA ASN A 3 12.31 10.24 21.20
C ASN A 3 11.59 9.08 20.51
N LEU A 4 10.26 9.07 20.64
CA LEU A 4 9.45 8.05 19.98
C LEU A 4 9.45 8.25 18.46
N ILE A 5 9.64 9.50 18.01
CA ILE A 5 9.84 9.75 16.58
C ILE A 5 11.12 9.11 16.09
N ASP A 6 12.18 9.13 16.93
CA ASP A 6 13.46 8.52 16.55
C ASP A 6 13.43 7.00 16.53
N LEU A 7 12.62 6.37 17.40
CA LEU A 7 12.50 4.91 17.35
C LEU A 7 11.71 4.43 16.14
N LEU A 8 10.78 5.26 15.65
CA LEU A 8 10.03 5.01 14.43
C LEU A 8 10.73 5.55 13.19
N HIS A 9 12.01 5.95 13.33
CA HIS A 9 12.74 6.53 12.21
C HIS A 9 12.80 5.57 11.02
N ASP A 10 13.00 4.28 11.28
CA ASP A 10 13.05 3.31 10.18
C ASP A 10 11.68 3.11 9.53
N GLY A 11 10.61 3.10 10.33
CA GLY A 11 9.27 2.94 9.78
C GLY A 11 8.78 4.13 8.99
N PHE A 12 9.04 5.35 9.49
CA PHE A 12 8.61 6.57 8.81
C PHE A 12 9.30 6.74 7.46
N TYR A 13 10.51 6.20 7.30
CA TYR A 13 11.22 6.32 6.01
C TYR A 13 10.50 5.57 4.91
N LEU A 14 9.87 4.45 5.26
CA LEU A 14 9.11 3.65 4.30
C LEU A 14 7.76 4.28 3.99
N ILE A 15 7.21 5.06 4.94
CA ILE A 15 6.07 5.95 4.65
C ILE A 15 6.49 7.00 3.64
N PHE A 16 7.67 7.58 3.84
CA PHE A 16 8.16 8.63 2.95
C PHE A 16 8.40 8.10 1.54
N LEU A 17 8.84 6.83 1.40
CA LEU A 17 9.10 6.26 0.07
C LEU A 17 7.81 6.10 -0.73
N ILE A 18 6.76 5.61 -0.09
CA ILE A 18 5.47 5.46 -0.77
C ILE A 18 4.90 6.81 -1.15
N ARG A 19 5.05 7.80 -0.26
CA ARG A 19 4.63 9.15 -0.60
C ARG A 19 5.42 9.64 -1.79
N ASN A 20 6.68 9.24 -1.89
CA ASN A 20 7.57 9.60 -2.98
C ASN A 20 7.51 8.64 -4.15
N GLN A 21 6.43 7.86 -4.25
CA GLN A 21 6.04 7.09 -5.41
C GLN A 21 6.91 5.85 -5.59
N TYR A 22 7.71 5.47 -4.59
CA TYR A 22 8.40 4.20 -4.64
C TYR A 22 7.40 3.08 -4.40
N VAL A 23 7.51 2.02 -5.18
CA VAL A 23 6.55 0.91 -5.12
C VAL A 23 7.27 -0.33 -4.63
N PRO A 24 6.82 -0.98 -3.56
CA PRO A 24 7.52 -2.18 -3.07
C PRO A 24 7.48 -3.30 -4.10
N ALA A 25 8.63 -3.92 -4.32
CA ALA A 25 8.72 -5.00 -5.31
C ALA A 25 7.92 -6.22 -4.86
N ASP A 26 7.90 -6.48 -3.55
CA ASP A 26 7.22 -7.62 -2.93
C ASP A 26 6.27 -7.05 -1.88
N PRO A 27 4.97 -6.92 -2.20
CA PRO A 27 4.03 -6.36 -1.21
C PRO A 27 4.00 -7.09 0.13
N GLN A 28 3.99 -8.43 0.14
CA GLN A 28 3.88 -9.19 1.38
C GLN A 28 5.18 -9.23 2.17
N ARG A 29 6.32 -9.17 1.50
CA ARG A 29 7.57 -8.98 2.23
C ARG A 29 7.61 -7.60 2.86
N PHE A 30 7.09 -6.61 2.13
CA PHE A 30 6.97 -5.25 2.65
C PHE A 30 6.11 -5.22 3.92
N ARG A 31 5.05 -6.03 3.98
CA ARG A 31 4.14 -5.95 5.13
C ARG A 31 4.78 -6.56 6.37
N GLU A 32 5.49 -7.70 6.20
CA GLU A 32 6.20 -8.31 7.32
C GLU A 32 7.37 -7.46 7.77
N LYS A 33 7.91 -6.60 6.90
CA LYS A 33 8.95 -5.69 7.35
C LYS A 33 8.39 -4.62 8.27
N ILE A 34 7.17 -4.14 7.98
CA ILE A 34 6.47 -3.20 8.86
C ILE A 34 6.14 -3.84 10.20
N LEU A 35 5.63 -5.08 10.19
CA LEU A 35 5.29 -5.74 11.45
C LEU A 35 6.53 -5.96 12.32
N ASP A 36 7.66 -6.31 11.71
CA ASP A 36 8.85 -6.51 12.51
C ASP A 36 9.42 -5.18 12.99
N LEU A 37 9.20 -4.10 12.25
CA LEU A 37 9.67 -2.81 12.71
C LEU A 37 8.83 -2.29 13.84
N LEU A 38 7.54 -2.67 13.89
CA LEU A 38 6.70 -2.26 15.01
C LEU A 38 6.99 -3.06 16.28
N ASN A 39 7.40 -4.32 16.15
CA ASN A 39 7.83 -5.07 17.33
C ASN A 39 9.21 -4.61 17.81
N ARG A 40 10.16 -4.39 16.89
CA ARG A 40 11.41 -3.71 17.25
C ARG A 40 11.16 -2.42 17.99
N PHE A 41 10.29 -1.57 17.43
CA PHE A 41 9.95 -0.31 18.07
C PHE A 41 9.36 -0.51 19.45
N GLU A 42 8.59 -1.57 19.64
CA GLU A 42 7.96 -1.75 20.94
C GLU A 42 8.96 -2.26 21.96
N GLN A 43 9.65 -3.37 21.65
CA GLN A 43 10.76 -3.84 22.48
C GLN A 43 11.73 -2.73 22.88
N GLN A 44 12.07 -1.84 21.94
CA GLN A 44 13.02 -0.76 22.26
C GLN A 44 12.36 0.32 23.09
N ALA A 45 11.11 0.67 22.79
CA ALA A 45 10.43 1.70 23.57
C ALA A 45 10.10 1.20 24.98
N LYS A 46 9.79 -0.10 25.12
CA LYS A 46 9.55 -0.66 26.45
C LYS A 46 10.82 -0.66 27.30
N LYS A 47 12.00 -0.94 26.71
CA LYS A 47 13.24 -0.93 27.48
C LYS A 47 13.71 0.44 27.83
N LEU A 48 13.31 1.43 27.04
CA LEU A 48 13.62 2.80 27.39
C LEU A 48 12.57 3.39 28.30
N GLN A 49 11.61 2.57 28.72
CA GLN A 49 10.72 2.83 29.84
C GLN A 49 9.62 3.81 29.47
N PHE A 50 9.26 3.93 28.18
CA PHE A 50 8.08 4.68 27.82
C PHE A 50 6.84 3.92 28.31
N SER A 51 5.80 4.67 28.68
CA SER A 51 4.59 4.06 29.21
C SER A 51 3.92 3.23 28.13
N ALA A 52 3.17 2.22 28.57
CA ALA A 52 2.45 1.33 27.67
C ALA A 52 1.46 2.08 26.77
N ASP A 53 0.89 3.18 27.26
CA ASP A 53 -0.04 3.92 26.41
C ASP A 53 0.69 4.69 25.32
N ASP A 54 1.87 5.24 25.64
CA ASP A 54 2.67 5.94 24.61
C ASP A 54 3.06 4.97 23.50
N ILE A 55 3.54 3.78 23.87
CA ILE A 55 3.91 2.77 22.87
C ILE A 55 2.69 2.38 22.04
N HIS A 56 1.58 2.12 22.71
CA HIS A 56 0.34 1.70 22.05
C HIS A 56 -0.13 2.77 21.08
N ASP A 57 -0.10 4.05 21.49
CA ASP A 57 -0.66 5.10 20.64
C ASP A 57 0.28 5.52 19.53
N ALA A 58 1.60 5.41 19.72
CA ALA A 58 2.52 5.68 18.62
C ALA A 58 2.39 4.62 17.53
N LYS A 59 2.34 3.35 17.91
CA LYS A 59 2.10 2.31 16.94
C LYS A 59 0.74 2.45 16.27
N TYR A 60 -0.30 2.87 17.02
CA TYR A 60 -1.63 3.02 16.44
C TYR A 60 -1.63 4.10 15.36
N ALA A 61 -0.99 5.25 15.64
CA ALA A 61 -0.92 6.34 14.69
C ALA A 61 -0.14 5.93 13.45
N PHE A 62 0.95 5.19 13.63
CA PHE A 62 1.75 4.78 12.47
C PHE A 62 0.96 3.82 11.59
N CYS A 63 0.18 2.93 12.20
CA CYS A 63 -0.62 1.99 11.42
C CYS A 63 -1.77 2.70 10.70
N ALA A 64 -2.43 3.64 11.38
CA ALA A 64 -3.44 4.44 10.69
C ALA A 64 -2.84 5.18 9.50
N LEU A 65 -1.60 5.64 9.65
CA LEU A 65 -0.93 6.47 8.63
C LEU A 65 -0.44 5.65 7.44
N ILE A 66 0.20 4.50 7.70
CA ILE A 66 0.65 3.62 6.62
C ILE A 66 -0.55 3.06 5.86
N ASP A 67 -1.65 2.78 6.55
CA ASP A 67 -2.81 2.24 5.85
C ASP A 67 -3.37 3.23 4.84
N GLU A 68 -3.50 4.51 5.23
CA GLU A 68 -4.14 5.47 4.35
C GLU A 68 -3.21 5.98 3.26
N THR A 69 -1.91 6.01 3.53
CA THR A 69 -0.94 6.33 2.48
C THR A 69 -1.08 5.35 1.33
N ILE A 70 -1.17 4.05 1.66
CA ILE A 70 -1.24 3.01 0.65
C ILE A 70 -2.60 3.01 -0.05
N VAL A 71 -3.69 3.10 0.69
CA VAL A 71 -5.00 2.96 0.08
C VAL A 71 -5.40 4.18 -0.78
N THR A 72 -4.87 5.38 -0.49
CA THR A 72 -5.21 6.59 -1.24
C THR A 72 -4.47 6.70 -2.57
N GLN A 73 -3.42 5.89 -2.76
CA GLN A 73 -2.64 5.96 -3.98
C GLN A 73 -3.49 5.71 -5.21
N GLN A 74 -3.39 6.62 -6.18
CA GLN A 74 -4.17 6.49 -7.40
C GLN A 74 -3.34 6.07 -8.61
N ASP A 75 -2.09 6.05 -8.49
CA ASP A 75 -1.44 5.70 -9.74
C ASP A 75 -1.39 4.16 -9.92
N PRO A 76 -1.54 3.66 -11.15
CA PRO A 76 -1.83 2.21 -11.36
C PRO A 76 -0.70 1.27 -10.95
N SER A 77 0.52 1.75 -10.84
CA SER A 77 1.61 0.93 -10.35
C SER A 77 1.34 0.38 -8.95
N TYR A 78 0.56 1.09 -8.14
CA TYR A 78 0.29 0.63 -6.78
C TYR A 78 -0.80 -0.43 -6.69
N PHE A 79 -1.33 -0.86 -7.84
CA PHE A 79 -2.53 -1.70 -7.86
C PHE A 79 -2.30 -3.04 -7.17
N ASN A 80 -1.13 -3.67 -7.37
CA ASN A 80 -0.88 -4.94 -6.68
C ASN A 80 -0.54 -4.78 -5.22
N LEU A 81 0.09 -3.68 -4.81
CA LEU A 81 0.34 -3.49 -3.39
C LEU A 81 -0.94 -3.19 -2.64
N GLN A 82 -1.84 -2.43 -3.27
CA GLN A 82 -3.14 -2.16 -2.65
C GLN A 82 -3.97 -3.43 -2.57
N ASN A 83 -3.96 -4.26 -3.61
CA ASN A 83 -4.76 -5.48 -3.60
C ASN A 83 -4.31 -6.50 -2.57
N SER A 84 -3.00 -6.56 -2.29
CA SER A 84 -2.57 -7.44 -1.20
C SER A 84 -2.81 -6.80 0.17
N TRP A 85 -2.73 -5.48 0.27
CA TRP A 85 -2.88 -4.83 1.56
C TRP A 85 -4.33 -4.87 2.05
N LEU A 86 -5.29 -4.67 1.14
CA LEU A 86 -6.70 -4.56 1.52
C LEU A 86 -7.25 -5.86 2.10
N ILE A 87 -6.55 -6.98 1.88
CA ILE A 87 -6.92 -8.25 2.51
C ILE A 87 -7.02 -8.09 4.02
N SER A 88 -6.02 -7.41 4.61
CA SER A 88 -6.02 -7.10 6.05
C SER A 88 -5.22 -5.84 6.26
N PRO A 89 -5.84 -4.68 6.34
CA PRO A 89 -5.10 -3.48 6.74
C PRO A 89 -4.68 -3.59 8.19
N LEU A 90 -3.56 -2.93 8.50
CA LEU A 90 -2.93 -3.11 9.82
C LEU A 90 -3.79 -2.53 10.94
N GLN A 91 -4.63 -1.53 10.63
CA GLN A 91 -5.58 -1.06 11.62
C GLN A 91 -6.53 -2.15 12.02
N LEU A 92 -6.93 -2.98 11.05
CA LEU A 92 -7.91 -4.03 11.32
C LEU A 92 -7.22 -5.27 11.88
N SER A 93 -6.01 -5.54 11.40
CA SER A 93 -5.26 -6.71 11.86
C SER A 93 -4.75 -6.52 13.28
N LEU A 94 -4.19 -5.36 13.59
CA LEU A 94 -3.56 -5.16 14.90
C LEU A 94 -4.49 -4.53 15.93
N PHE A 95 -5.52 -3.80 15.52
CA PHE A 95 -6.40 -3.17 16.48
C PHE A 95 -7.85 -3.55 16.27
N GLY A 96 -8.17 -4.41 15.30
CA GLY A 96 -9.56 -4.74 15.02
C GLY A 96 -10.41 -3.54 14.68
N SER A 97 -9.81 -2.46 14.18
CA SER A 97 -10.51 -1.19 14.05
C SER A 97 -10.54 -0.74 12.60
N GLN A 98 -11.64 -0.07 12.26
CA GLN A 98 -11.77 0.66 11.01
C GLN A 98 -12.17 2.11 11.25
N LEU A 99 -11.99 2.60 12.47
CA LEU A 99 -12.45 3.93 12.87
C LEU A 99 -11.30 4.90 13.03
N ALA A 100 -10.13 4.56 12.48
CA ALA A 100 -8.93 5.36 12.66
C ALA A 100 -9.10 6.79 12.13
N GLY A 101 -9.85 6.97 11.04
CA GLY A 101 -10.11 8.31 10.53
C GLY A 101 -10.68 9.26 11.57
N TYR A 102 -11.50 8.75 12.49
CA TYR A 102 -12.06 9.52 13.57
C TYR A 102 -11.28 9.38 14.87
N GLN A 103 -10.84 8.17 15.20
CA GLN A 103 -10.30 7.92 16.52
C GLN A 103 -8.85 8.40 16.66
N PHE A 104 -8.13 8.54 15.55
CA PHE A 104 -6.82 9.20 15.60
C PHE A 104 -6.96 10.60 16.20
N PHE A 105 -8.07 11.28 15.90
CA PHE A 105 -8.30 12.65 16.36
C PHE A 105 -8.87 12.72 17.77
N GLU A 106 -9.59 11.69 18.22
CA GLU A 106 -9.98 11.59 19.63
C GLU A 106 -8.75 11.41 20.52
N ILE A 107 -7.85 10.49 20.13
CA ILE A 107 -6.60 10.26 20.86
C ILE A 107 -5.72 11.52 20.81
N LEU A 108 -5.74 12.24 19.70
CA LEU A 108 -4.94 13.44 19.61
C LEU A 108 -5.44 14.50 20.60
N GLU A 109 -6.77 14.60 20.78
CA GLU A 109 -7.30 15.59 21.71
C GLU A 109 -7.01 15.22 23.16
N GLN A 110 -6.91 13.91 23.45
CA GLN A 110 -6.49 13.48 24.78
C GLN A 110 -5.04 13.87 25.06
N LEU A 111 -4.16 13.78 24.04
CA LEU A 111 -2.73 14.07 24.23
C LEU A 111 -2.45 15.56 24.27
N ARG A 112 -3.18 16.35 23.49
CA ARG A 112 -3.05 17.80 23.60
C ARG A 112 -3.39 18.23 25.02
N SER A 113 -4.42 17.60 25.59
CA SER A 113 -4.87 17.91 26.95
C SER A 113 -3.83 17.52 27.99
N ARG A 114 -3.15 16.39 27.78
CA ARG A 114 -2.14 15.96 28.75
C ARG A 114 -0.80 16.65 28.57
N GLY A 115 -0.59 17.35 27.46
CA GLY A 115 0.51 18.31 27.32
C GLY A 115 1.91 17.74 27.46
N LYS A 116 2.54 18.03 28.59
CA LYS A 116 3.93 17.63 28.82
C LYS A 116 4.06 16.15 29.17
N GLU A 117 3.09 15.60 29.89
CA GLU A 117 3.18 14.22 30.35
C GLU A 117 3.05 13.20 29.23
N ARG A 118 2.42 13.56 28.11
CA ARG A 118 2.35 12.63 26.97
C ARG A 118 2.89 13.24 25.68
N LEU A 119 3.86 14.16 25.82
CA LEU A 119 4.39 14.91 24.69
C LEU A 119 5.17 14.03 23.74
N ALA A 120 5.75 12.94 24.21
CA ALA A 120 6.42 12.01 23.30
C ALA A 120 5.40 11.39 22.35
N ALA A 121 4.26 10.95 22.87
CA ALA A 121 3.20 10.45 21.99
C ALA A 121 2.68 11.53 21.06
N LEU A 122 2.56 12.77 21.56
CA LEU A 122 1.92 13.80 20.76
C LEU A 122 2.80 14.27 19.62
N GLU A 123 4.12 14.18 19.79
CA GLU A 123 5.06 14.47 18.70
C GLU A 123 4.89 13.50 17.53
N VAL A 124 4.57 12.23 17.83
CA VAL A 124 4.29 11.22 16.81
C VAL A 124 2.99 11.55 16.06
N PHE A 125 1.92 11.88 16.80
CA PHE A 125 0.66 12.17 16.12
C PHE A 125 0.76 13.41 15.24
N HIS A 126 1.54 14.43 15.65
CA HIS A 126 1.80 15.59 14.81
C HIS A 126 2.59 15.21 13.57
N TYR A 127 3.61 14.37 13.73
CA TYR A 127 4.45 13.97 12.59
C TYR A 127 3.70 13.11 11.58
N CYS A 128 2.76 12.28 12.03
CA CYS A 128 1.89 11.59 11.09
C CYS A 128 1.02 12.59 10.32
N LEU A 129 0.62 13.68 10.97
CA LEU A 129 -0.13 14.71 10.26
C LEU A 129 0.74 15.43 9.21
N LEU A 130 2.02 15.74 9.53
CA LEU A 130 2.89 16.36 8.51
C LEU A 130 3.24 15.40 7.37
N LEU A 131 3.21 14.08 7.58
CA LEU A 131 3.47 13.14 6.50
C LEU A 131 2.19 12.70 5.77
N GLY A 132 1.12 13.48 5.85
CA GLY A 132 0.01 13.39 4.93
C GLY A 132 -1.25 12.74 5.45
N PHE A 133 -1.25 12.31 6.71
CA PHE A 133 -2.45 11.69 7.25
C PHE A 133 -3.55 12.72 7.37
N GLN A 134 -4.71 12.40 6.80
CA GLN A 134 -5.91 13.24 6.84
C GLN A 134 -7.05 12.63 7.62
N GLY A 135 -7.26 11.33 7.49
CA GLY A 135 -8.36 10.70 8.20
C GLY A 135 -9.69 11.29 7.80
N LYS A 136 -10.44 11.67 8.82
CA LYS A 136 -11.79 12.15 8.68
C LYS A 136 -11.88 13.52 8.01
N TYR A 137 -10.77 14.27 7.97
CA TYR A 137 -10.70 15.57 7.35
C TYR A 137 -10.59 15.52 5.83
N ARG A 138 -10.45 14.32 5.26
CA ARG A 138 -10.34 14.18 3.81
C ARG A 138 -11.63 14.57 3.09
N ILE A 139 -12.79 14.26 3.68
CA ILE A 139 -14.08 14.59 3.07
C ILE A 139 -14.65 15.90 3.61
N GLU A 140 -14.41 16.22 4.88
CA GLU A 140 -14.67 17.56 5.36
C GLU A 140 -13.72 18.56 4.68
N SER A 141 -13.98 19.85 4.94
CA SER A 141 -13.03 20.92 4.60
C SER A 141 -11.61 20.48 4.94
N ILE A 142 -10.66 20.82 4.06
CA ILE A 142 -9.28 20.42 4.30
C ILE A 142 -8.50 21.56 4.96
N GLU A 143 -8.89 22.82 4.74
CA GLU A 143 -8.20 23.90 5.42
C GLU A 143 -8.32 23.74 6.93
N SER A 144 -9.43 23.16 7.39
CA SER A 144 -9.57 22.89 8.82
C SER A 144 -8.45 21.98 9.29
N LEU A 145 -7.93 21.11 8.43
CA LEU A 145 -6.88 20.20 8.87
C LEU A 145 -5.53 20.89 8.91
N ASN A 146 -5.23 21.78 7.97
CA ASN A 146 -3.98 22.51 8.06
C ASN A 146 -3.92 23.37 9.32
N HIS A 147 -5.03 24.03 9.66
CA HIS A 147 -4.97 24.83 10.89
C HIS A 147 -4.79 23.93 12.10
N LEU A 148 -5.38 22.73 12.09
CA LEU A 148 -5.16 21.84 13.24
C LEU A 148 -3.71 21.41 13.32
N VAL A 149 -3.10 21.07 12.18
CA VAL A 149 -1.69 20.69 12.17
C VAL A 149 -0.83 21.85 12.65
N ALA A 150 -1.20 23.08 12.26
CA ALA A 150 -0.39 24.23 12.62
C ALA A 150 -0.33 24.44 14.12
N ARG A 151 -1.46 24.30 14.81
CA ARG A 151 -1.51 24.61 16.24
C ARG A 151 -1.06 23.46 17.13
N VAL A 152 -1.31 22.22 16.73
CA VAL A 152 -0.67 21.15 17.48
C VAL A 152 0.84 21.32 17.40
N GLY A 153 1.32 21.80 16.25
CA GLY A 153 2.73 22.13 16.12
C GLY A 153 3.15 23.26 17.03
N ASP A 154 2.26 24.25 17.20
CA ASP A 154 2.53 25.38 18.09
C ASP A 154 2.58 24.92 19.54
N GLU A 155 1.66 24.04 19.93
CA GLU A 155 1.61 23.56 21.31
C GLU A 155 2.84 22.74 21.65
N ILE A 156 3.35 21.97 20.71
CA ILE A 156 4.59 21.25 20.94
C ILE A 156 5.74 22.23 21.09
N ASP A 157 5.80 23.26 20.24
CA ASP A 157 6.82 24.31 20.43
C ASP A 157 6.66 24.98 21.79
N TYR A 158 5.42 25.18 22.23
CA TYR A 158 5.15 25.84 23.51
C TYR A 158 5.56 24.96 24.70
N LEU A 159 5.35 23.65 24.60
CA LEU A 159 5.62 22.77 25.72
C LEU A 159 7.11 22.60 25.98
N LYS A 160 7.97 23.08 25.08
CA LYS A 160 9.42 23.04 25.26
C LYS A 160 9.97 24.39 25.78
N ALA B 1 34.93 10.17 7.24
CA ALA B 1 35.38 9.05 6.42
C ALA B 1 35.16 9.36 4.94
N ILE B 2 35.52 8.42 4.08
CA ILE B 2 35.51 8.60 2.63
C ILE B 2 34.41 7.74 2.02
N ASN B 3 33.51 8.38 1.28
CA ASN B 3 32.36 7.76 0.61
C ASN B 3 32.72 7.40 -0.84
N LEU B 4 31.77 6.78 -1.54
CA LEU B 4 32.02 6.37 -2.92
C LEU B 4 32.05 7.54 -3.89
N ILE B 5 31.35 8.64 -3.58
CA ILE B 5 31.45 9.84 -4.41
C ILE B 5 32.88 10.35 -4.40
N ASP B 6 33.55 10.28 -3.23
CA ASP B 6 34.90 10.78 -3.07
C ASP B 6 35.90 9.93 -3.82
N LEU B 7 35.62 8.63 -3.98
CA LEU B 7 36.51 7.79 -4.76
C LEU B 7 36.36 8.06 -6.25
N LEU B 8 35.18 8.53 -6.68
CA LEU B 8 34.91 8.92 -8.06
C LEU B 8 35.20 10.40 -8.36
N HIS B 9 35.90 11.11 -7.46
CA HIS B 9 36.06 12.55 -7.67
C HIS B 9 36.80 12.84 -8.98
N ASP B 10 37.84 12.06 -9.29
CA ASP B 10 38.56 12.31 -10.53
C ASP B 10 37.72 11.95 -11.75
N GLY B 11 36.94 10.88 -11.67
CA GLY B 11 36.09 10.51 -12.79
C GLY B 11 34.95 11.49 -12.99
N PHE B 12 34.29 11.89 -11.90
CA PHE B 12 33.21 12.86 -12.02
C PHE B 12 33.71 14.21 -12.54
N TYR B 13 34.99 14.53 -12.33
CA TYR B 13 35.53 15.79 -12.81
C TYR B 13 35.55 15.84 -14.33
N LEU B 14 35.84 14.72 -14.98
CA LEU B 14 35.85 14.67 -16.44
C LEU B 14 34.45 14.66 -17.05
N ILE B 15 33.44 14.20 -16.29
CA ILE B 15 32.04 14.46 -16.65
C ILE B 15 31.75 15.95 -16.62
N PHE B 16 32.23 16.64 -15.57
CA PHE B 16 31.98 18.07 -15.42
C PHE B 16 32.56 18.88 -16.56
N LEU B 17 33.72 18.46 -17.10
CA LEU B 17 34.32 19.20 -18.19
C LEU B 17 33.51 19.04 -19.48
N ILE B 18 33.07 17.81 -19.78
CA ILE B 18 32.31 17.56 -21.00
C ILE B 18 30.97 18.30 -20.95
N ARG B 19 30.29 18.28 -19.80
CA ARG B 19 29.05 19.05 -19.69
C ARG B 19 29.31 20.53 -19.87
N ASN B 20 30.48 20.99 -19.43
CA ASN B 20 30.93 22.36 -19.57
C ASN B 20 31.68 22.59 -20.87
N GLN B 21 31.49 21.72 -21.85
CA GLN B 21 31.85 21.93 -23.26
C GLN B 21 33.34 21.81 -23.58
N TYR B 22 34.13 21.28 -22.67
CA TYR B 22 35.50 20.94 -23.00
C TYR B 22 35.50 19.65 -23.82
N VAL B 23 36.32 19.60 -24.87
CA VAL B 23 36.37 18.45 -25.77
C VAL B 23 37.74 17.81 -25.62
N PRO B 24 37.82 16.50 -25.39
CA PRO B 24 39.14 15.84 -25.30
C PRO B 24 39.89 15.87 -26.64
N ALA B 25 41.18 16.20 -26.55
CA ALA B 25 42.04 16.28 -27.72
C ALA B 25 42.27 14.92 -28.38
N ASP B 26 42.32 13.87 -27.56
CA ASP B 26 42.58 12.49 -28.02
C ASP B 26 41.50 11.58 -27.43
N PRO B 27 40.48 11.22 -28.22
CA PRO B 27 39.37 10.39 -27.69
C PRO B 27 39.82 9.08 -27.06
N GLN B 28 40.77 8.38 -27.68
CA GLN B 28 41.11 7.04 -27.16
C GLN B 28 41.96 7.11 -25.89
N ARG B 29 42.81 8.13 -25.72
CA ARG B 29 43.48 8.31 -24.43
C ARG B 29 42.50 8.73 -23.37
N PHE B 30 41.55 9.58 -23.76
CA PHE B 30 40.46 9.93 -22.86
C PHE B 30 39.76 8.68 -22.40
N ARG B 31 39.63 7.70 -23.28
CA ARG B 31 38.86 6.53 -22.89
C ARG B 31 39.67 5.65 -21.94
N GLU B 32 40.95 5.42 -22.24
CA GLU B 32 41.80 4.67 -21.33
C GLU B 32 41.89 5.36 -19.97
N LYS B 33 41.86 6.69 -19.96
CA LYS B 33 41.71 7.40 -18.69
C LYS B 33 40.54 6.94 -17.85
N ILE B 34 39.37 6.82 -18.47
CA ILE B 34 38.20 6.43 -17.69
C ILE B 34 38.34 5.00 -17.20
N LEU B 35 38.87 4.12 -18.07
CA LEU B 35 39.13 2.74 -17.69
C LEU B 35 40.18 2.65 -16.57
N ASP B 36 41.20 3.51 -16.60
CA ASP B 36 42.19 3.48 -15.51
C ASP B 36 41.64 4.07 -14.22
N LEU B 37 40.73 5.04 -14.32
CA LEU B 37 40.15 5.63 -13.12
C LEU B 37 39.15 4.71 -12.45
N LEU B 38 38.44 3.90 -13.23
CA LEU B 38 37.53 2.90 -12.66
C LEU B 38 38.28 1.69 -12.11
N ASN B 39 39.42 1.33 -12.70
CA ASN B 39 40.21 0.26 -12.10
C ASN B 39 40.77 0.69 -10.75
N ARG B 40 41.31 1.91 -10.69
CA ARG B 40 41.79 2.42 -9.42
C ARG B 40 40.64 2.61 -8.42
N PHE B 41 39.48 3.09 -8.90
CA PHE B 41 38.32 3.22 -8.04
C PHE B 41 37.93 1.89 -7.43
N GLU B 42 38.07 0.80 -8.18
CA GLU B 42 37.69 -0.49 -7.61
C GLU B 42 38.75 -0.99 -6.64
N GLN B 43 40.02 -0.79 -6.98
CA GLN B 43 41.09 -1.14 -6.06
C GLN B 43 40.92 -0.45 -4.71
N GLN B 44 40.75 0.87 -4.73
CA GLN B 44 40.62 1.64 -3.49
C GLN B 44 39.34 1.29 -2.73
N ALA B 45 38.24 1.06 -3.45
CA ALA B 45 36.99 0.74 -2.77
C ALA B 45 37.05 -0.64 -2.13
N LYS B 46 37.69 -1.61 -2.78
CA LYS B 46 37.85 -2.91 -2.14
C LYS B 46 38.73 -2.82 -0.91
N LYS B 47 39.75 -1.96 -0.93
CA LYS B 47 40.65 -1.86 0.22
C LYS B 47 40.03 -1.07 1.34
N LEU B 48 39.02 -0.24 1.03
CA LEU B 48 38.18 0.37 2.05
C LEU B 48 36.97 -0.50 2.39
N GLN B 49 36.85 -1.67 1.78
CA GLN B 49 35.93 -2.74 2.21
C GLN B 49 34.46 -2.43 1.92
N PHE B 50 34.18 -1.64 0.88
CA PHE B 50 32.81 -1.52 0.41
C PHE B 50 32.37 -2.85 -0.16
N SER B 51 31.06 -3.12 -0.11
CA SER B 51 30.58 -4.40 -0.61
C SER B 51 30.82 -4.52 -2.12
N ALA B 52 30.90 -5.76 -2.59
CA ALA B 52 31.12 -6.01 -4.00
C ALA B 52 30.03 -5.41 -4.87
N ASP B 53 28.80 -5.35 -4.37
CA ASP B 53 27.70 -4.74 -5.11
C ASP B 53 27.77 -3.22 -5.09
N ASP B 54 28.20 -2.63 -3.97
CA ASP B 54 28.36 -1.17 -3.93
C ASP B 54 29.37 -0.74 -4.98
N ILE B 55 30.49 -1.46 -5.10
CA ILE B 55 31.47 -1.16 -6.15
C ILE B 55 30.87 -1.38 -7.53
N HIS B 56 30.19 -2.53 -7.72
CA HIS B 56 29.61 -2.86 -9.03
C HIS B 56 28.58 -1.84 -9.47
N ASP B 57 27.69 -1.41 -8.58
CA ASP B 57 26.60 -0.53 -9.03
C ASP B 57 27.02 0.91 -9.19
N ALA B 58 27.95 1.39 -8.36
CA ALA B 58 28.51 2.72 -8.57
C ALA B 58 29.31 2.78 -9.87
N LYS B 59 30.10 1.74 -10.17
CA LYS B 59 30.76 1.68 -11.46
C LYS B 59 29.74 1.61 -12.61
N TYR B 60 28.60 0.94 -12.38
CA TYR B 60 27.55 0.88 -13.40
C TYR B 60 26.91 2.24 -13.64
N ALA B 61 26.61 2.96 -12.56
CA ALA B 61 25.97 4.26 -12.70
C ALA B 61 26.87 5.23 -13.44
N PHE B 62 28.16 5.24 -13.11
CA PHE B 62 29.07 6.20 -13.74
C PHE B 62 29.26 5.88 -15.23
N CYS B 63 29.34 4.60 -15.61
CA CYS B 63 29.49 4.27 -17.03
C CYS B 63 28.25 4.67 -17.82
N ALA B 64 27.06 4.42 -17.25
CA ALA B 64 25.84 4.89 -17.89
C ALA B 64 25.88 6.41 -18.05
N LEU B 65 26.46 7.11 -17.07
CA LEU B 65 26.45 8.57 -17.07
C LEU B 65 27.44 9.15 -18.09
N ILE B 66 28.69 8.64 -18.10
CA ILE B 66 29.71 9.10 -19.05
C ILE B 66 29.29 8.78 -20.48
N ASP B 67 28.65 7.64 -20.68
CA ASP B 67 28.17 7.25 -21.99
C ASP B 67 27.04 8.15 -22.46
N GLU B 68 26.15 8.52 -21.54
CA GLU B 68 25.04 9.35 -22.00
C GLU B 68 25.48 10.80 -22.17
N THR B 69 26.44 11.25 -21.37
CA THR B 69 26.97 12.60 -21.54
C THR B 69 27.57 12.77 -22.93
N ILE B 70 28.40 11.82 -23.37
CA ILE B 70 29.14 11.95 -24.62
C ILE B 70 28.19 11.89 -25.82
N VAL B 71 27.31 10.89 -25.85
CA VAL B 71 26.44 10.69 -27.00
C VAL B 71 25.40 11.81 -27.11
N THR B 72 25.13 12.54 -26.01
CA THR B 72 24.13 13.62 -25.99
C THR B 72 24.62 14.93 -26.61
N GLN B 73 25.93 15.14 -26.68
CA GLN B 73 26.47 16.41 -27.13
C GLN B 73 26.06 16.65 -28.57
N GLN B 74 25.53 17.85 -28.85
CA GLN B 74 25.15 18.18 -30.20
C GLN B 74 26.11 19.15 -30.88
N ASP B 75 27.09 19.68 -30.14
CA ASP B 75 27.96 20.62 -30.83
C ASP B 75 28.94 19.82 -31.71
N PRO B 76 29.19 20.28 -32.94
CA PRO B 76 29.92 19.44 -33.90
C PRO B 76 31.37 19.20 -33.55
N SER B 77 31.97 20.00 -32.64
CA SER B 77 33.33 19.75 -32.19
C SER B 77 33.46 18.37 -31.54
N TYR B 78 32.39 17.85 -31.00
CA TYR B 78 32.37 16.55 -30.35
C TYR B 78 32.28 15.40 -31.33
N PHE B 79 32.33 15.69 -32.63
CA PHE B 79 32.05 14.67 -33.63
C PHE B 79 33.11 13.56 -33.60
N ASN B 80 34.39 13.92 -33.43
CA ASN B 80 35.41 12.87 -33.38
C ASN B 80 35.42 12.07 -32.08
N LEU B 81 35.08 12.67 -30.93
CA LEU B 81 35.06 11.87 -29.71
C LEU B 81 33.87 10.92 -29.69
N GLN B 82 32.75 11.35 -30.29
CA GLN B 82 31.59 10.48 -30.41
C GLN B 82 31.83 9.34 -31.40
N ASN B 83 32.45 9.60 -32.55
CA ASN B 83 32.66 8.50 -33.48
C ASN B 83 33.65 7.47 -32.92
N SER B 84 34.62 7.94 -32.14
CA SER B 84 35.54 7.01 -31.50
C SER B 84 34.87 6.27 -30.35
N TRP B 85 33.95 6.93 -29.64
CA TRP B 85 33.31 6.33 -28.48
C TRP B 85 32.25 5.31 -28.86
N LEU B 86 31.46 5.59 -29.91
CA LEU B 86 30.33 4.73 -30.26
C LEU B 86 30.75 3.36 -30.76
N ILE B 87 32.02 3.16 -31.12
CA ILE B 87 32.49 1.83 -31.50
C ILE B 87 32.15 0.84 -30.38
N SER B 88 32.46 1.21 -29.15
CA SER B 88 32.10 0.43 -27.96
C SER B 88 31.88 1.39 -26.80
N PRO B 89 30.62 1.76 -26.53
CA PRO B 89 30.34 2.57 -25.33
C PRO B 89 30.62 1.75 -24.07
N LEU B 90 31.03 2.41 -22.99
CA LEU B 90 31.54 1.65 -21.86
C LEU B 90 30.46 0.81 -21.19
N GLN B 91 29.19 1.20 -21.32
CA GLN B 91 28.11 0.34 -20.83
C GLN B 91 28.14 -1.00 -21.55
N LEU B 92 28.51 -0.98 -22.84
CA LEU B 92 28.57 -2.20 -23.62
C LEU B 92 29.92 -2.87 -23.52
N SER B 93 31.00 -2.11 -23.35
CA SER B 93 32.33 -2.71 -23.23
C SER B 93 32.50 -3.45 -21.92
N LEU B 94 32.04 -2.87 -20.80
CA LEU B 94 32.26 -3.45 -19.48
C LEU B 94 31.09 -4.25 -18.93
N PHE B 95 29.87 -3.99 -19.37
CA PHE B 95 28.69 -4.69 -18.86
C PHE B 95 27.88 -5.35 -19.96
N GLY B 96 28.31 -5.26 -21.21
CA GLY B 96 27.60 -5.84 -22.33
C GLY B 96 26.16 -5.38 -22.50
N SER B 97 25.82 -4.17 -22.04
CA SER B 97 24.43 -3.77 -21.89
C SER B 97 24.07 -2.54 -22.72
N GLN B 98 22.80 -2.52 -23.16
CA GLN B 98 22.18 -1.34 -23.75
C GLN B 98 20.88 -0.95 -23.03
N LEU B 99 20.68 -1.45 -21.81
CA LEU B 99 19.43 -1.24 -21.07
C LEU B 99 19.57 -0.26 -19.91
N ALA B 100 20.67 0.50 -19.84
CA ALA B 100 20.87 1.37 -18.70
C ALA B 100 19.75 2.40 -18.56
N GLY B 101 19.19 2.86 -19.68
CA GLY B 101 18.10 3.83 -19.63
C GLY B 101 16.97 3.39 -18.72
N TYR B 102 16.71 2.09 -18.67
CA TYR B 102 15.73 1.51 -17.76
C TYR B 102 16.37 0.92 -16.52
N GLN B 103 17.52 0.26 -16.66
CA GLN B 103 18.02 -0.51 -15.55
C GLN B 103 18.68 0.34 -14.48
N PHE B 104 19.19 1.53 -14.85
CA PHE B 104 19.70 2.47 -13.84
C PHE B 104 18.62 2.80 -12.81
N PHE B 105 17.38 2.97 -13.24
CA PHE B 105 16.32 3.35 -12.31
C PHE B 105 15.75 2.16 -11.56
N GLU B 106 15.81 0.96 -12.16
CA GLU B 106 15.50 -0.26 -11.42
C GLU B 106 16.49 -0.45 -10.27
N ILE B 107 17.79 -0.27 -10.56
CA ILE B 107 18.79 -0.31 -9.49
C ILE B 107 18.54 0.80 -8.47
N LEU B 108 18.10 1.97 -8.94
CA LEU B 108 17.84 3.06 -8.02
C LEU B 108 16.71 2.74 -7.06
N GLU B 109 15.68 2.03 -7.52
CA GLU B 109 14.58 1.69 -6.61
C GLU B 109 15.00 0.63 -5.60
N GLN B 110 15.91 -0.28 -5.98
CA GLN B 110 16.47 -1.21 -5.02
C GLN B 110 17.28 -0.49 -3.94
N LEU B 111 18.09 0.51 -4.33
CA LEU B 111 18.86 1.22 -3.34
C LEU B 111 17.98 2.03 -2.40
N ARG B 112 16.88 2.61 -2.92
CA ARG B 112 15.92 3.29 -2.05
C ARG B 112 15.30 2.33 -1.04
N SER B 113 15.08 1.06 -1.46
CA SER B 113 14.48 0.06 -0.58
C SER B 113 15.37 -0.28 0.61
N ARG B 114 16.66 -0.48 0.33
CA ARG B 114 17.65 -0.84 1.33
C ARG B 114 18.14 0.36 2.13
N GLY B 115 17.84 1.57 1.67
CA GLY B 115 17.95 2.78 2.48
C GLY B 115 19.31 3.10 3.03
N LYS B 116 19.46 2.94 4.35
CA LYS B 116 20.73 3.19 5.01
C LYS B 116 21.75 2.09 4.74
N GLU B 117 21.29 0.91 4.33
CA GLU B 117 22.18 -0.23 4.11
C GLU B 117 22.95 -0.11 2.80
N ARG B 118 22.42 0.58 1.80
CA ARG B 118 23.15 0.81 0.56
C ARG B 118 23.30 2.30 0.27
N LEU B 119 23.34 3.13 1.32
CA LEU B 119 23.28 4.57 1.09
C LEU B 119 24.53 5.08 0.36
N ALA B 120 25.68 4.39 0.48
CA ALA B 120 26.87 4.85 -0.24
C ALA B 120 26.66 4.80 -1.75
N ALA B 121 26.14 3.68 -2.26
CA ALA B 121 25.78 3.57 -3.67
C ALA B 121 24.64 4.50 -4.06
N LEU B 122 23.70 4.77 -3.15
CA LEU B 122 22.54 5.58 -3.52
C LEU B 122 22.92 7.04 -3.68
N GLU B 123 23.91 7.51 -2.91
CA GLU B 123 24.45 8.84 -3.15
C GLU B 123 25.13 8.91 -4.52
N VAL B 124 25.73 7.81 -4.98
CA VAL B 124 26.32 7.82 -6.31
C VAL B 124 25.23 8.03 -7.36
N PHE B 125 24.15 7.23 -7.29
CA PHE B 125 23.11 7.32 -8.31
C PHE B 125 22.42 8.69 -8.29
N HIS B 126 22.23 9.27 -7.10
CA HIS B 126 21.71 10.64 -7.03
C HIS B 126 22.69 11.63 -7.66
N TYR B 127 24.00 11.44 -7.43
CA TYR B 127 25.00 12.36 -8.00
C TYR B 127 25.09 12.24 -9.52
N CYS B 128 24.86 11.05 -10.07
CA CYS B 128 24.75 10.93 -11.53
C CYS B 128 23.52 11.65 -12.05
N LEU B 129 22.41 11.63 -11.29
CA LEU B 129 21.20 12.32 -11.70
C LEU B 129 21.38 13.84 -11.65
N LEU B 130 22.13 14.37 -10.67
CA LEU B 130 22.42 15.80 -10.68
C LEU B 130 23.41 16.20 -11.76
N LEU B 131 24.27 15.28 -12.23
CA LEU B 131 25.17 15.63 -13.33
C LEU B 131 24.55 15.35 -14.69
N GLY B 132 23.23 15.16 -14.74
CA GLY B 132 22.42 15.22 -15.95
C GLY B 132 21.89 13.89 -16.48
N PHE B 133 22.15 12.76 -15.81
CA PHE B 133 21.66 11.49 -16.33
C PHE B 133 20.13 11.48 -16.34
N GLN B 134 19.55 11.22 -17.52
CA GLN B 134 18.10 11.15 -17.73
C GLN B 134 17.60 9.75 -18.04
N GLY B 135 18.32 8.97 -18.81
CA GLY B 135 17.87 7.62 -19.13
C GLY B 135 16.51 7.60 -19.83
N LYS B 136 15.59 6.81 -19.29
CA LYS B 136 14.27 6.69 -19.91
C LYS B 136 13.48 7.98 -19.85
N TYR B 137 13.90 8.94 -19.00
CA TYR B 137 13.18 10.19 -18.83
C TYR B 137 13.46 11.23 -19.92
N ARG B 138 14.47 11.03 -20.77
CA ARG B 138 14.67 11.95 -21.89
C ARG B 138 13.56 11.81 -22.94
N ILE B 139 12.85 10.69 -22.92
CA ILE B 139 11.71 10.44 -23.78
C ILE B 139 10.42 10.95 -23.16
N GLU B 140 10.32 10.80 -21.84
CA GLU B 140 9.17 11.24 -21.07
C GLU B 140 9.32 12.71 -20.67
N SER B 141 8.46 13.17 -19.78
CA SER B 141 8.49 14.58 -19.38
C SER B 141 9.70 14.88 -18.51
N ILE B 142 10.26 16.08 -18.67
CA ILE B 142 11.37 16.53 -17.84
C ILE B 142 10.90 16.80 -16.42
N GLU B 143 9.68 17.33 -16.26
CA GLU B 143 9.11 17.55 -14.93
C GLU B 143 9.15 16.29 -14.08
N SER B 144 8.81 15.14 -14.67
CA SER B 144 8.70 13.89 -13.93
C SER B 144 10.06 13.47 -13.33
N LEU B 145 11.16 13.79 -14.00
CA LEU B 145 12.48 13.40 -13.51
C LEU B 145 12.99 14.33 -12.43
N ASN B 146 12.69 15.63 -12.54
CA ASN B 146 13.07 16.57 -11.50
C ASN B 146 12.43 16.23 -10.18
N HIS B 147 11.17 15.77 -10.21
CA HIS B 147 10.54 15.26 -9.00
C HIS B 147 11.30 14.08 -8.42
N LEU B 148 11.81 13.19 -9.29
CA LEU B 148 12.49 12.01 -8.79
C LEU B 148 13.82 12.37 -8.12
N VAL B 149 14.60 13.28 -8.73
CA VAL B 149 15.87 13.69 -8.12
C VAL B 149 15.62 14.38 -6.79
N ALA B 150 14.59 15.23 -6.74
CA ALA B 150 14.31 16.00 -5.53
C ALA B 150 14.00 15.07 -4.36
N ARG B 151 13.27 14.00 -4.64
CA ARG B 151 12.85 13.09 -3.60
C ARG B 151 13.94 12.13 -3.19
N VAL B 152 14.79 11.70 -4.12
CA VAL B 152 15.94 10.91 -3.72
C VAL B 152 16.84 11.75 -2.83
N GLY B 153 16.95 13.05 -3.13
CA GLY B 153 17.77 13.92 -2.30
C GLY B 153 17.26 14.05 -0.89
N ASP B 154 15.92 14.19 -0.73
CA ASP B 154 15.29 14.28 0.58
C ASP B 154 15.37 12.96 1.32
N GLU B 155 15.20 11.84 0.61
CA GLU B 155 15.37 10.55 1.26
C GLU B 155 16.80 10.37 1.73
N ILE B 156 17.77 10.81 0.92
CA ILE B 156 19.16 10.73 1.37
C ILE B 156 19.38 11.57 2.61
N ASP B 157 18.92 12.84 2.59
CA ASP B 157 19.07 13.68 3.77
C ASP B 157 18.38 13.06 4.98
N TYR B 158 17.26 12.37 4.77
CA TYR B 158 16.58 11.78 5.89
C TYR B 158 17.43 10.67 6.51
N LEU B 159 18.08 9.87 5.65
CA LEU B 159 18.90 8.75 6.12
C LEU B 159 20.22 9.20 6.75
N LYS B 160 20.58 10.47 6.61
CA LYS B 160 21.79 11.00 7.23
C LYS B 160 21.51 11.57 8.61
N GLY B 161 20.26 11.52 9.06
CA GLY B 161 19.87 11.99 10.39
C GLY B 161 20.03 13.49 10.64
N ALA C 1 33.46 -32.22 -10.80
CA ALA C 1 32.62 -33.35 -11.16
C ALA C 1 31.15 -32.94 -11.33
N ILE C 2 30.72 -31.97 -10.53
CA ILE C 2 29.33 -31.55 -10.44
C ILE C 2 29.20 -30.14 -11.02
N ASN C 3 28.37 -29.99 -12.03
CA ASN C 3 28.13 -28.71 -12.69
C ASN C 3 26.99 -27.96 -11.99
N LEU C 4 26.75 -26.73 -12.43
CA LEU C 4 25.67 -25.94 -11.84
C LEU C 4 24.29 -26.44 -12.21
N ILE C 5 24.13 -27.12 -13.35
CA ILE C 5 22.82 -27.71 -13.65
C ILE C 5 22.46 -28.83 -12.69
N ASP C 6 23.45 -29.60 -12.20
CA ASP C 6 23.14 -30.67 -11.24
C ASP C 6 22.67 -30.11 -9.89
N LEU C 7 23.13 -28.91 -9.49
CA LEU C 7 22.66 -28.28 -8.27
C LEU C 7 21.27 -27.68 -8.40
N LEU C 8 20.86 -27.31 -9.63
CA LEU C 8 19.51 -26.87 -9.91
C LEU C 8 18.57 -28.01 -10.33
N HIS C 9 18.97 -29.29 -10.15
CA HIS C 9 18.14 -30.41 -10.60
C HIS C 9 16.79 -30.39 -9.91
N ASP C 10 16.77 -30.06 -8.62
CA ASP C 10 15.50 -30.02 -7.90
C ASP C 10 14.62 -28.87 -8.39
N GLY C 11 15.22 -27.72 -8.70
CA GLY C 11 14.41 -26.61 -9.20
C GLY C 11 13.88 -26.84 -10.59
N PHE C 12 14.74 -27.35 -11.49
CA PHE C 12 14.35 -27.62 -12.86
C PHE C 12 13.27 -28.69 -12.94
N TYR C 13 13.20 -29.57 -11.93
CA TYR C 13 12.16 -30.62 -11.93
C TYR C 13 10.78 -30.02 -11.80
N LEU C 14 10.63 -28.96 -10.99
CA LEU C 14 9.34 -28.28 -10.80
C LEU C 14 8.97 -27.37 -11.96
N ILE C 15 9.95 -26.85 -12.71
CA ILE C 15 9.63 -26.25 -14.00
C ILE C 15 9.11 -27.32 -14.96
N PHE C 16 9.76 -28.50 -14.97
CA PHE C 16 9.30 -29.54 -15.88
C PHE C 16 7.87 -29.97 -15.55
N LEU C 17 7.48 -29.95 -14.28
CA LEU C 17 6.12 -30.32 -13.93
C LEU C 17 5.11 -29.29 -14.43
N ILE C 18 5.43 -27.99 -14.27
CA ILE C 18 4.51 -26.95 -14.74
C ILE C 18 4.34 -27.03 -16.25
N ARG C 19 5.45 -27.27 -16.98
CA ARG C 19 5.39 -27.46 -18.42
C ARG C 19 4.50 -28.64 -18.79
N ASN C 20 4.54 -29.68 -17.95
CA ASN C 20 3.72 -30.86 -18.11
C ASN C 20 2.37 -30.75 -17.43
N GLN C 21 1.91 -29.53 -17.16
CA GLN C 21 0.52 -29.22 -16.82
C GLN C 21 0.17 -29.66 -15.41
N TYR C 22 1.15 -30.05 -14.60
CA TYR C 22 0.89 -30.31 -13.20
C TYR C 22 0.66 -28.98 -12.49
N VAL C 23 -0.32 -28.92 -11.59
CA VAL C 23 -0.68 -27.66 -10.94
C VAL C 23 -0.35 -27.78 -9.45
N PRO C 24 0.43 -26.89 -8.88
CA PRO C 24 0.69 -26.96 -7.42
C PRO C 24 -0.58 -26.62 -6.64
N ALA C 25 -0.85 -27.45 -5.63
CA ALA C 25 -2.09 -27.34 -4.83
C ALA C 25 -2.12 -26.06 -4.01
N ASP C 26 -0.94 -25.62 -3.54
CA ASP C 26 -0.79 -24.44 -2.68
C ASP C 26 0.24 -23.51 -3.31
N PRO C 27 -0.21 -22.46 -4.01
CA PRO C 27 0.75 -21.54 -4.70
C PRO C 27 1.83 -20.95 -3.81
N GLN C 28 1.46 -20.50 -2.60
CA GLN C 28 2.41 -19.78 -1.76
C GLN C 28 3.41 -20.73 -1.11
N ARG C 29 2.98 -21.96 -0.81
CA ARG C 29 3.93 -22.98 -0.36
C ARG C 29 4.88 -23.37 -1.48
N PHE C 30 4.35 -23.46 -2.70
CA PHE C 30 5.17 -23.73 -3.87
C PHE C 30 6.28 -22.69 -3.96
N ARG C 31 5.95 -21.45 -3.65
CA ARG C 31 6.89 -20.35 -3.77
C ARG C 31 7.95 -20.40 -2.69
N GLU C 32 7.58 -20.81 -1.48
CA GLU C 32 8.58 -20.88 -0.42
C GLU C 32 9.59 -21.97 -0.71
N LYS C 33 9.25 -22.92 -1.54
CA LYS C 33 10.22 -23.99 -1.66
C LYS C 33 11.08 -23.76 -2.91
N ILE C 34 10.56 -23.00 -3.88
CA ILE C 34 11.43 -22.42 -4.90
C ILE C 34 12.44 -21.48 -4.24
N LEU C 35 11.98 -20.64 -3.30
CA LEU C 35 12.90 -19.74 -2.60
C LEU C 35 13.91 -20.52 -1.77
N ASP C 36 13.48 -21.60 -1.13
CA ASP C 36 14.43 -22.38 -0.33
C ASP C 36 15.36 -23.22 -1.19
N LEU C 37 14.91 -23.56 -2.41
CA LEU C 37 15.78 -24.27 -3.35
C LEU C 37 16.87 -23.38 -3.88
N LEU C 38 16.58 -22.10 -4.04
CA LEU C 38 17.61 -21.14 -4.43
C LEU C 38 18.54 -20.80 -3.28
N ASN C 39 18.07 -20.90 -2.03
CA ASN C 39 18.97 -20.68 -0.90
C ASN C 39 19.95 -21.82 -0.77
N ARG C 40 19.48 -23.06 -0.94
CA ARG C 40 20.40 -24.17 -0.82
C ARG C 40 21.25 -24.31 -2.08
N PHE C 41 20.76 -23.81 -3.22
CA PHE C 41 21.60 -23.79 -4.42
C PHE C 41 22.78 -22.87 -4.21
N GLU C 42 22.60 -21.76 -3.47
CA GLU C 42 23.76 -20.99 -3.05
C GLU C 42 24.68 -21.74 -2.12
N GLN C 43 24.17 -22.15 -0.95
CA GLN C 43 25.07 -22.71 0.04
C GLN C 43 25.86 -23.89 -0.54
N GLN C 44 25.22 -24.67 -1.42
CA GLN C 44 25.92 -25.80 -2.02
C GLN C 44 26.92 -25.36 -3.08
N ALA C 45 26.57 -24.34 -3.89
CA ALA C 45 27.46 -23.88 -4.94
C ALA C 45 28.67 -23.15 -4.38
N LYS C 46 28.48 -22.35 -3.33
CA LYS C 46 29.67 -21.73 -2.73
C LYS C 46 30.56 -22.76 -2.06
N LYS C 47 29.99 -23.82 -1.51
CA LYS C 47 30.86 -24.78 -0.85
C LYS C 47 31.69 -25.57 -1.85
N LEU C 48 31.24 -25.66 -3.11
CA LEU C 48 32.02 -26.21 -4.21
C LEU C 48 32.82 -25.16 -4.99
N GLN C 49 32.75 -23.89 -4.59
CA GLN C 49 33.64 -22.81 -4.98
C GLN C 49 33.42 -22.20 -6.36
N PHE C 50 32.18 -22.22 -6.81
CA PHE C 50 31.81 -21.48 -7.99
C PHE C 50 31.86 -19.98 -7.66
N SER C 51 32.20 -19.17 -8.67
CA SER C 51 32.29 -17.73 -8.43
C SER C 51 30.92 -17.18 -8.07
N ALA C 52 30.91 -16.07 -7.32
CA ALA C 52 29.64 -15.44 -6.96
C ALA C 52 28.85 -15.06 -8.19
N ASP C 53 29.53 -14.76 -9.31
CA ASP C 53 28.79 -14.41 -10.51
C ASP C 53 28.13 -15.64 -11.11
N ASP C 54 28.85 -16.76 -11.19
CA ASP C 54 28.26 -17.99 -11.72
C ASP C 54 27.02 -18.36 -10.93
N ILE C 55 27.06 -18.24 -9.60
CA ILE C 55 25.87 -18.47 -8.80
C ILE C 55 24.81 -17.42 -9.12
N HIS C 56 25.21 -16.15 -9.17
CA HIS C 56 24.25 -15.07 -9.40
C HIS C 56 23.50 -15.23 -10.71
N ASP C 57 24.24 -15.53 -11.79
CA ASP C 57 23.62 -15.57 -13.11
C ASP C 57 22.81 -16.84 -13.30
N ALA C 58 23.18 -17.94 -12.62
CA ALA C 58 22.39 -19.16 -12.64
C ALA C 58 21.09 -18.98 -11.89
N LYS C 59 21.14 -18.35 -10.71
CA LYS C 59 19.93 -18.04 -9.97
C LYS C 59 19.04 -17.05 -10.75
N TYR C 60 19.67 -16.11 -11.47
CA TYR C 60 18.91 -15.16 -12.28
C TYR C 60 18.17 -15.85 -13.42
N ALA C 61 18.85 -16.77 -14.10
CA ALA C 61 18.24 -17.48 -15.22
C ALA C 61 17.06 -18.34 -14.76
N PHE C 62 17.20 -19.01 -13.62
CA PHE C 62 16.12 -19.89 -13.15
C PHE C 62 14.89 -19.09 -12.76
N CYS C 63 15.08 -17.89 -12.17
CA CYS C 63 13.94 -17.06 -11.78
C CYS C 63 13.21 -16.49 -12.98
N ALA C 64 13.97 -16.00 -13.97
CA ALA C 64 13.38 -15.52 -15.21
C ALA C 64 12.58 -16.61 -15.90
N LEU C 65 13.06 -17.87 -15.83
CA LEU C 65 12.41 -18.99 -16.51
C LEU C 65 11.15 -19.46 -15.79
N ILE C 66 11.22 -19.64 -14.45
CA ILE C 66 10.03 -20.08 -13.72
C ILE C 66 8.95 -19.00 -13.77
N ASP C 67 9.33 -17.72 -13.79
CA ASP C 67 8.32 -16.67 -13.89
C ASP C 67 7.62 -16.73 -15.25
N GLU C 68 8.36 -17.05 -16.32
CA GLU C 68 7.75 -17.09 -17.64
C GLU C 68 6.92 -18.36 -17.84
N THR C 69 7.38 -19.49 -17.28
CA THR C 69 6.62 -20.72 -17.35
C THR C 69 5.25 -20.55 -16.71
N ILE C 70 5.21 -19.91 -15.52
CA ILE C 70 3.94 -19.80 -14.79
C ILE C 70 3.01 -18.83 -15.49
N VAL C 71 3.50 -17.66 -15.88
CA VAL C 71 2.65 -16.60 -16.42
C VAL C 71 2.14 -16.92 -17.82
N THR C 72 2.88 -17.74 -18.60
CA THR C 72 2.46 -18.02 -19.97
C THR C 72 1.35 -19.07 -20.05
N GLN C 73 1.12 -19.83 -18.98
CA GLN C 73 0.15 -20.92 -19.01
C GLN C 73 -1.22 -20.38 -19.36
N GLN C 74 -1.90 -21.04 -20.30
CA GLN C 74 -3.21 -20.58 -20.74
C GLN C 74 -4.37 -21.40 -20.21
N ASP C 75 -4.11 -22.54 -19.59
CA ASP C 75 -5.21 -23.36 -19.11
C ASP C 75 -5.72 -22.81 -17.79
N PRO C 76 -7.05 -22.79 -17.60
CA PRO C 76 -7.60 -22.09 -16.43
C PRO C 76 -7.26 -22.76 -15.12
N SER C 77 -6.81 -24.02 -15.14
CA SER C 77 -6.37 -24.65 -13.89
C SER C 77 -5.24 -23.88 -13.21
N TYR C 78 -4.46 -23.14 -13.97
CA TYR C 78 -3.35 -22.36 -13.45
C TYR C 78 -3.78 -21.01 -12.90
N PHE C 79 -5.07 -20.76 -12.78
CA PHE C 79 -5.55 -19.39 -12.54
C PHE C 79 -5.21 -18.94 -11.12
N ASN C 80 -5.43 -19.79 -10.10
CA ASN C 80 -5.05 -19.38 -8.75
C ASN C 80 -3.54 -19.28 -8.56
N LEU C 81 -2.74 -20.09 -9.26
CA LEU C 81 -1.28 -19.97 -9.09
C LEU C 81 -0.76 -18.71 -9.75
N GLN C 82 -1.34 -18.33 -10.90
CA GLN C 82 -0.92 -17.11 -11.57
C GLN C 82 -1.31 -15.85 -10.80
N ASN C 83 -2.50 -15.83 -10.21
CA ASN C 83 -2.93 -14.63 -9.47
C ASN C 83 -2.13 -14.45 -8.18
N SER C 84 -1.69 -15.54 -7.58
CA SER C 84 -0.82 -15.47 -6.41
C SER C 84 0.62 -15.09 -6.81
N TRP C 85 1.08 -15.57 -7.96
CA TRP C 85 2.46 -15.31 -8.37
C TRP C 85 2.65 -13.87 -8.84
N LEU C 86 1.65 -13.33 -9.54
CA LEU C 86 1.80 -12.02 -10.16
C LEU C 86 1.94 -10.88 -9.16
N ILE C 87 1.53 -11.09 -7.89
CA ILE C 87 1.73 -10.07 -6.86
C ILE C 87 3.20 -9.65 -6.81
N SER C 88 4.10 -10.63 -6.78
CA SER C 88 5.53 -10.37 -6.83
C SER C 88 6.21 -11.52 -7.54
N PRO C 89 6.39 -11.41 -8.86
CA PRO C 89 7.16 -12.44 -9.58
C PRO C 89 8.61 -12.41 -9.13
N LEU C 90 9.25 -13.58 -9.15
CA LEU C 90 10.55 -13.73 -8.50
C LEU C 90 11.62 -12.87 -9.16
N GLN C 91 11.49 -12.57 -10.46
CA GLN C 91 12.41 -11.60 -11.07
C GLN C 91 12.34 -10.27 -10.34
N LEU C 92 11.15 -9.89 -9.87
CA LEU C 92 11.05 -8.61 -9.19
C LEU C 92 11.33 -8.72 -7.70
N SER C 93 10.95 -9.84 -7.10
CA SER C 93 11.15 -10.06 -5.67
C SER C 93 12.63 -10.14 -5.29
N LEU C 94 13.41 -10.87 -6.09
CA LEU C 94 14.82 -11.13 -5.82
C LEU C 94 15.80 -10.25 -6.59
N PHE C 95 15.43 -9.68 -7.73
CA PHE C 95 16.34 -8.86 -8.54
C PHE C 95 15.82 -7.46 -8.87
N GLY C 96 14.65 -7.06 -8.37
CA GLY C 96 14.09 -5.75 -8.66
C GLY C 96 13.90 -5.43 -10.13
N SER C 97 13.76 -6.44 -10.98
CA SER C 97 13.77 -6.29 -12.43
C SER C 97 12.49 -6.77 -13.08
N GLN C 98 12.12 -6.11 -14.18
CA GLN C 98 11.11 -6.61 -15.10
C GLN C 98 11.65 -6.71 -16.54
N LEU C 99 12.98 -6.70 -16.71
CA LEU C 99 13.62 -6.63 -18.02
C LEU C 99 14.26 -7.94 -18.46
N ALA C 100 13.94 -9.06 -17.80
CA ALA C 100 14.63 -10.32 -18.10
C ALA C 100 14.47 -10.73 -19.56
N GLY C 101 13.34 -10.39 -20.18
CA GLY C 101 13.16 -10.73 -21.59
C GLY C 101 14.29 -10.27 -22.50
N TYR C 102 14.89 -9.12 -22.18
CA TYR C 102 16.04 -8.62 -22.91
C TYR C 102 17.36 -8.94 -22.23
N GLN C 103 17.38 -8.88 -20.90
CA GLN C 103 18.65 -8.98 -20.18
C GLN C 103 19.10 -10.43 -20.06
N PHE C 104 18.21 -11.40 -20.18
CA PHE C 104 18.68 -12.79 -20.27
C PHE C 104 19.64 -12.96 -21.44
N PHE C 105 19.34 -12.34 -22.59
CA PHE C 105 20.18 -12.59 -23.75
C PHE C 105 21.45 -11.75 -23.73
N GLU C 106 21.42 -10.59 -23.07
CA GLU C 106 22.63 -9.81 -22.85
C GLU C 106 23.63 -10.58 -22.01
N ILE C 107 23.16 -11.19 -20.91
CA ILE C 107 24.04 -12.06 -20.13
C ILE C 107 24.49 -13.26 -20.94
N LEU C 108 23.60 -13.85 -21.74
CA LEU C 108 23.97 -15.01 -22.53
C LEU C 108 25.05 -14.68 -23.53
N GLU C 109 24.99 -13.47 -24.10
CA GLU C 109 26.02 -13.12 -25.07
C GLU C 109 27.35 -12.88 -24.35
N GLN C 110 27.29 -12.49 -23.07
CA GLN C 110 28.50 -12.37 -22.26
C GLN C 110 29.09 -13.73 -21.92
N LEU C 111 28.24 -14.71 -21.61
CA LEU C 111 28.74 -16.05 -21.33
C LEU C 111 29.30 -16.71 -22.58
N ARG C 112 28.69 -16.47 -23.75
CA ARG C 112 29.25 -16.98 -25.00
C ARG C 112 30.63 -16.42 -25.25
N SER C 113 30.84 -15.12 -25.00
CA SER C 113 32.14 -14.51 -25.27
C SER C 113 33.23 -15.07 -24.35
N ARG C 114 32.89 -15.29 -23.08
CA ARG C 114 33.82 -15.84 -22.10
C ARG C 114 34.00 -17.35 -22.25
N GLY C 115 33.11 -18.01 -23.01
CA GLY C 115 33.36 -19.35 -23.51
C GLY C 115 33.63 -20.43 -22.49
N LYS C 116 34.90 -20.82 -22.41
CA LYS C 116 35.33 -21.86 -21.46
C LYS C 116 35.22 -21.36 -20.03
N GLU C 117 35.60 -20.11 -19.80
CA GLU C 117 35.88 -19.60 -18.46
C GLU C 117 34.61 -19.49 -17.62
N ARG C 118 33.46 -19.28 -18.24
CA ARG C 118 32.18 -19.24 -17.53
C ARG C 118 31.19 -20.26 -18.12
N LEU C 119 31.73 -21.40 -18.57
CA LEU C 119 30.89 -22.38 -19.27
C LEU C 119 29.89 -23.06 -18.34
N ALA C 120 30.17 -23.15 -17.04
CA ALA C 120 29.19 -23.71 -16.12
C ALA C 120 27.93 -22.86 -16.08
N ALA C 121 28.11 -21.54 -16.00
CA ALA C 121 26.97 -20.63 -16.08
C ALA C 121 26.30 -20.70 -17.44
N LEU C 122 27.08 -20.92 -18.50
CA LEU C 122 26.48 -20.89 -19.84
C LEU C 122 25.65 -22.14 -20.13
N GLU C 123 26.01 -23.30 -19.57
CA GLU C 123 25.14 -24.47 -19.72
C GLU C 123 23.81 -24.26 -19.02
N VAL C 124 23.79 -23.47 -17.94
CA VAL C 124 22.52 -23.15 -17.29
C VAL C 124 21.62 -22.36 -18.25
N PHE C 125 22.17 -21.32 -18.88
CA PHE C 125 21.36 -20.49 -19.76
C PHE C 125 20.87 -21.26 -20.98
N HIS C 126 21.68 -22.19 -21.49
CA HIS C 126 21.23 -23.05 -22.58
C HIS C 126 20.10 -23.98 -22.13
N TYR C 127 20.21 -24.52 -20.91
CA TYR C 127 19.20 -25.45 -20.39
C TYR C 127 17.88 -24.75 -20.12
N CYS C 128 17.92 -23.49 -19.74
CA CYS C 128 16.72 -22.68 -19.56
C CYS C 128 15.99 -22.44 -20.88
N LEU C 129 16.77 -22.29 -21.97
CA LEU C 129 16.20 -22.11 -23.30
C LEU C 129 15.55 -23.37 -23.82
N LEU C 130 16.12 -24.54 -23.49
CA LEU C 130 15.51 -25.82 -23.85
C LEU C 130 14.23 -26.09 -23.07
N LEU C 131 14.07 -25.49 -21.89
CA LEU C 131 12.83 -25.65 -21.13
C LEU C 131 11.83 -24.53 -21.42
N GLY C 132 12.02 -23.81 -22.52
CA GLY C 132 11.00 -22.96 -23.11
C GLY C 132 11.16 -21.47 -22.91
N PHE C 133 12.23 -21.01 -22.27
CA PHE C 133 12.35 -19.57 -22.06
C PHE C 133 12.48 -18.84 -23.38
N GLN C 134 11.62 -17.86 -23.60
CA GLN C 134 11.65 -17.10 -24.84
C GLN C 134 12.08 -15.66 -24.65
N GLY C 135 11.65 -14.98 -23.59
CA GLY C 135 12.01 -13.59 -23.42
C GLY C 135 11.58 -12.76 -24.62
N LYS C 136 12.51 -11.97 -25.18
CA LYS C 136 12.16 -11.07 -26.28
C LYS C 136 11.77 -11.84 -27.54
N TYR C 137 12.13 -13.12 -27.63
CA TYR C 137 11.82 -13.93 -28.80
C TYR C 137 10.37 -14.40 -28.85
N ARG C 138 9.53 -14.01 -27.89
CA ARG C 138 8.10 -14.29 -28.03
C ARG C 138 7.46 -13.41 -29.11
N ILE C 139 8.04 -12.24 -29.37
CA ILE C 139 7.59 -11.36 -30.46
C ILE C 139 8.33 -11.68 -31.75
N GLU C 140 9.66 -11.74 -31.68
CA GLU C 140 10.48 -12.26 -32.78
C GLU C 140 10.15 -13.74 -33.00
N SER C 141 10.81 -14.38 -33.95
CA SER C 141 10.28 -15.63 -34.47
C SER C 141 10.75 -16.83 -33.66
N ILE C 142 9.89 -17.85 -33.64
CA ILE C 142 10.30 -19.19 -33.23
C ILE C 142 11.58 -19.60 -33.94
N GLU C 143 11.69 -19.25 -35.22
CA GLU C 143 12.81 -19.74 -36.02
C GLU C 143 14.12 -19.11 -35.54
N SER C 144 14.10 -17.82 -35.20
CA SER C 144 15.31 -17.17 -34.71
C SER C 144 15.79 -17.78 -33.39
N LEU C 145 14.86 -18.16 -32.49
CA LEU C 145 15.27 -18.66 -31.19
C LEU C 145 15.66 -20.13 -31.26
N ASN C 146 15.01 -20.89 -32.13
CA ASN C 146 15.44 -22.26 -32.37
C ASN C 146 16.86 -22.27 -32.89
N HIS C 147 17.18 -21.30 -33.75
CA HIS C 147 18.55 -21.14 -34.24
C HIS C 147 19.52 -20.84 -33.10
N LEU C 148 19.13 -19.96 -32.17
CA LEU C 148 20.03 -19.59 -31.08
C LEU C 148 20.27 -20.76 -30.14
N VAL C 149 19.22 -21.51 -29.82
CA VAL C 149 19.36 -22.66 -28.93
C VAL C 149 20.27 -23.70 -29.55
N ALA C 150 20.16 -23.91 -30.86
CA ALA C 150 20.99 -24.91 -31.50
C ALA C 150 22.46 -24.53 -31.41
N ARG C 151 22.77 -23.25 -31.65
CA ARG C 151 24.15 -22.79 -31.76
C ARG C 151 24.82 -22.54 -30.43
N VAL C 152 24.08 -22.09 -29.45
CA VAL C 152 24.69 -22.13 -28.14
C VAL C 152 24.92 -23.59 -27.81
N GLY C 153 24.05 -24.46 -28.31
CA GLY C 153 24.24 -25.88 -28.08
C GLY C 153 25.51 -26.39 -28.69
N ASP C 154 25.80 -25.93 -29.91
CA ASP C 154 27.02 -26.35 -30.61
C ASP C 154 28.25 -25.80 -29.94
N GLU C 155 28.19 -24.54 -29.52
CA GLU C 155 29.32 -23.92 -28.84
C GLU C 155 29.62 -24.62 -27.52
N ILE C 156 28.58 -25.02 -26.78
CA ILE C 156 28.80 -25.78 -25.55
C ILE C 156 29.42 -27.12 -25.86
N ASP C 157 28.96 -27.79 -26.92
CA ASP C 157 29.61 -29.04 -27.34
C ASP C 157 31.05 -28.80 -27.74
N TYR C 158 31.32 -27.67 -28.38
CA TYR C 158 32.67 -27.39 -28.87
C TYR C 158 33.62 -27.14 -27.71
N LEU C 159 33.17 -26.46 -26.66
CA LEU C 159 34.04 -26.10 -25.58
C LEU C 159 34.41 -27.26 -24.66
N LYS C 160 33.64 -28.34 -24.69
CA LYS C 160 33.96 -29.52 -23.89
C LYS C 160 34.58 -30.62 -24.73
N ALA D 1 -13.21 -40.38 29.39
CA ALA D 1 -11.90 -40.12 28.79
C ALA D 1 -12.05 -39.14 27.62
N ILE D 2 -10.94 -38.54 27.18
CA ILE D 2 -11.00 -37.44 26.23
C ILE D 2 -11.28 -37.96 24.82
N ASN D 3 -12.27 -37.35 24.17
CA ASN D 3 -12.66 -37.61 22.80
C ASN D 3 -11.66 -37.00 21.82
N LEU D 4 -11.81 -37.38 20.55
CA LEU D 4 -11.18 -36.63 19.49
C LEU D 4 -11.94 -35.32 19.26
N ILE D 5 -13.26 -35.31 19.54
CA ILE D 5 -14.02 -34.06 19.48
C ILE D 5 -13.49 -33.08 20.51
N ASP D 6 -13.05 -33.57 21.66
CA ASP D 6 -12.49 -32.67 22.67
C ASP D 6 -11.14 -32.09 22.25
N LEU D 7 -10.33 -32.84 21.48
CA LEU D 7 -9.07 -32.26 21.01
C LEU D 7 -9.28 -31.25 19.90
N LEU D 8 -10.34 -31.39 19.12
CA LEU D 8 -10.67 -30.39 18.11
C LEU D 8 -11.54 -29.26 18.66
N HIS D 9 -11.65 -29.15 19.99
CA HIS D 9 -12.52 -28.15 20.61
C HIS D 9 -12.13 -26.73 20.23
N ASP D 10 -10.82 -26.46 20.16
CA ASP D 10 -10.38 -25.13 19.76
C ASP D 10 -10.67 -24.88 18.28
N GLY D 11 -10.56 -25.89 17.44
CA GLY D 11 -10.88 -25.72 16.03
C GLY D 11 -12.37 -25.57 15.78
N PHE D 12 -13.19 -26.41 16.44
CA PHE D 12 -14.66 -26.35 16.26
C PHE D 12 -15.23 -25.00 16.71
N TYR D 13 -14.55 -24.31 17.62
CA TYR D 13 -15.02 -23.00 18.03
C TYR D 13 -14.93 -21.99 16.90
N LEU D 14 -13.92 -22.13 16.03
CA LEU D 14 -13.79 -21.23 14.88
C LEU D 14 -14.76 -21.57 13.77
N ILE D 15 -15.16 -22.85 13.64
CA ILE D 15 -16.30 -23.17 12.78
C ILE D 15 -17.55 -22.50 13.32
N PHE D 16 -17.74 -22.54 14.65
CA PHE D 16 -18.93 -21.94 15.25
C PHE D 16 -18.97 -20.44 15.02
N LEU D 17 -17.81 -19.77 15.04
CA LEU D 17 -17.81 -18.31 14.88
C LEU D 17 -18.18 -17.92 13.45
N ILE D 18 -17.64 -18.62 12.46
CA ILE D 18 -17.99 -18.28 11.09
C ILE D 18 -19.48 -18.53 10.85
N ARG D 19 -20.00 -19.62 11.38
CA ARG D 19 -21.41 -19.85 11.22
C ARG D 19 -22.23 -18.77 11.91
N ASN D 20 -21.69 -18.19 12.99
CA ASN D 20 -22.34 -17.10 13.72
C ASN D 20 -22.01 -15.73 13.11
N GLN D 21 -21.51 -15.68 11.87
CA GLN D 21 -21.34 -14.50 11.04
C GLN D 21 -20.16 -13.64 11.47
N TYR D 22 -19.30 -14.15 12.33
CA TYR D 22 -18.06 -13.46 12.66
C TYR D 22 -17.09 -13.55 11.47
N VAL D 23 -16.39 -12.45 11.19
CA VAL D 23 -15.48 -12.36 10.07
C VAL D 23 -14.09 -12.14 10.65
N PRO D 24 -13.09 -12.95 10.28
CA PRO D 24 -11.74 -12.73 10.82
C PRO D 24 -11.14 -11.45 10.25
N ALA D 25 -10.52 -10.66 11.14
CA ALA D 25 -9.90 -9.41 10.71
C ALA D 25 -8.73 -9.66 9.76
N ASP D 26 -8.03 -10.78 9.94
CA ASP D 26 -6.86 -11.13 9.15
C ASP D 26 -6.99 -12.54 8.58
N PRO D 27 -7.42 -12.68 7.32
CA PRO D 27 -7.63 -14.03 6.73
C PRO D 27 -6.42 -14.95 6.76
N GLN D 28 -5.21 -14.45 6.46
CA GLN D 28 -4.08 -15.37 6.38
C GLN D 28 -3.63 -15.81 7.76
N ARG D 29 -3.73 -14.93 8.76
CA ARG D 29 -3.43 -15.33 10.14
C ARG D 29 -4.47 -16.31 10.65
N PHE D 30 -5.76 -16.07 10.32
CA PHE D 30 -6.79 -17.03 10.64
C PHE D 30 -6.45 -18.40 10.07
N ARG D 31 -5.85 -18.42 8.88
CA ARG D 31 -5.48 -19.69 8.23
C ARG D 31 -4.24 -20.32 8.86
N GLU D 32 -3.20 -19.51 9.14
CA GLU D 32 -2.04 -20.02 9.87
C GLU D 32 -2.44 -20.59 11.21
N LYS D 33 -3.50 -20.02 11.82
CA LYS D 33 -3.97 -20.48 13.13
C LYS D 33 -4.67 -21.82 13.06
N ILE D 34 -5.44 -22.04 11.99
CA ILE D 34 -6.04 -23.35 11.75
C ILE D 34 -4.96 -24.40 11.57
N LEU D 35 -3.91 -24.09 10.79
CA LEU D 35 -2.84 -25.07 10.54
C LEU D 35 -2.13 -25.46 11.84
N ASP D 36 -1.96 -24.49 12.76
CA ASP D 36 -1.32 -24.79 14.04
C ASP D 36 -2.26 -25.52 14.99
N LEU D 37 -3.58 -25.33 14.84
CA LEU D 37 -4.51 -26.09 15.66
C LEU D 37 -4.61 -27.54 15.22
N LEU D 38 -4.46 -27.79 13.92
CA LEU D 38 -4.45 -29.17 13.43
C LEU D 38 -3.14 -29.88 13.75
N ASN D 39 -2.02 -29.16 13.75
CA ASN D 39 -0.74 -29.73 14.17
C ASN D 39 -0.72 -30.02 15.67
N ARG D 40 -1.29 -29.12 16.49
CA ARG D 40 -1.39 -29.41 17.92
C ARG D 40 -2.43 -30.51 18.20
N PHE D 41 -3.52 -30.53 17.43
CA PHE D 41 -4.48 -31.62 17.56
C PHE D 41 -3.83 -32.96 17.25
N GLU D 42 -2.87 -32.97 16.32
CA GLU D 42 -2.22 -34.23 15.95
C GLU D 42 -1.18 -34.67 16.99
N GLN D 43 -0.48 -33.73 17.63
CA GLN D 43 0.50 -34.18 18.62
C GLN D 43 -0.18 -34.71 19.87
N GLN D 44 -1.27 -34.05 20.30
CA GLN D 44 -1.96 -34.49 21.51
C GLN D 44 -2.69 -35.80 21.29
N ALA D 45 -3.28 -36.00 20.11
CA ALA D 45 -3.95 -37.26 19.83
C ALA D 45 -2.95 -38.42 19.75
N LYS D 46 -1.75 -38.17 19.19
CA LYS D 46 -0.68 -39.17 19.21
C LYS D 46 -0.17 -39.45 20.61
N LYS D 47 -0.11 -38.42 21.45
CA LYS D 47 0.37 -38.63 22.80
C LYS D 47 -0.70 -39.31 23.66
N LEU D 48 -1.98 -39.23 23.24
CA LEU D 48 -3.05 -40.03 23.81
C LEU D 48 -3.26 -41.37 23.08
N GLN D 49 -2.43 -41.70 22.10
CA GLN D 49 -2.34 -43.04 21.49
C GLN D 49 -3.49 -43.36 20.54
N PHE D 50 -4.12 -42.35 19.94
CA PHE D 50 -5.09 -42.61 18.89
C PHE D 50 -4.41 -43.13 17.63
N SER D 51 -5.15 -43.95 16.87
CA SER D 51 -4.60 -44.53 15.65
C SER D 51 -4.31 -43.44 14.62
N ALA D 52 -3.34 -43.72 13.75
CA ALA D 52 -3.01 -42.82 12.66
C ALA D 52 -4.20 -42.60 11.73
N ASP D 53 -5.07 -43.60 11.56
CA ASP D 53 -6.25 -43.43 10.73
C ASP D 53 -7.29 -42.57 11.43
N ASP D 54 -7.45 -42.72 12.75
CA ASP D 54 -8.38 -41.86 13.48
C ASP D 54 -7.95 -40.41 13.40
N ILE D 55 -6.66 -40.13 13.60
CA ILE D 55 -6.14 -38.77 13.46
C ILE D 55 -6.31 -38.28 12.03
N HIS D 56 -5.98 -39.14 11.06
CA HIS D 56 -6.00 -38.74 9.65
C HIS D 56 -7.40 -38.35 9.20
N ASP D 57 -8.39 -39.17 9.52
CA ASP D 57 -9.77 -38.94 9.07
C ASP D 57 -10.44 -37.83 9.86
N ALA D 58 -10.04 -37.62 11.11
CA ALA D 58 -10.53 -36.47 11.87
C ALA D 58 -10.03 -35.16 11.30
N LYS D 59 -8.74 -35.06 10.98
CA LYS D 59 -8.26 -33.87 10.29
C LYS D 59 -8.94 -33.69 8.94
N TYR D 60 -9.20 -34.79 8.23
CA TYR D 60 -9.82 -34.70 6.90
C TYR D 60 -11.23 -34.15 6.99
N ALA D 61 -12.01 -34.66 7.94
CA ALA D 61 -13.39 -34.20 8.09
C ALA D 61 -13.42 -32.74 8.47
N PHE D 62 -12.51 -32.32 9.35
CA PHE D 62 -12.53 -30.94 9.84
C PHE D 62 -12.23 -29.96 8.72
N CYS D 63 -11.29 -30.33 7.82
CA CYS D 63 -10.93 -29.46 6.71
C CYS D 63 -12.06 -29.35 5.69
N ALA D 64 -12.69 -30.48 5.34
CA ALA D 64 -13.87 -30.45 4.49
C ALA D 64 -14.95 -29.57 5.12
N LEU D 65 -15.05 -29.55 6.45
CA LEU D 65 -16.09 -28.74 7.07
C LEU D 65 -15.75 -27.24 7.03
N ILE D 66 -14.52 -26.84 7.38
CA ILE D 66 -14.18 -25.43 7.39
C ILE D 66 -14.11 -24.86 5.98
N ASP D 67 -13.65 -25.65 5.01
CA ASP D 67 -13.57 -25.13 3.65
C ASP D 67 -14.96 -24.82 3.13
N GLU D 68 -15.94 -25.68 3.44
CA GLU D 68 -17.30 -25.49 2.92
C GLU D 68 -18.07 -24.44 3.72
N THR D 69 -17.78 -24.31 5.01
CA THR D 69 -18.35 -23.24 5.79
C THR D 69 -17.95 -21.89 5.19
N ILE D 70 -16.67 -21.74 4.86
CA ILE D 70 -16.16 -20.46 4.36
C ILE D 70 -16.72 -20.19 2.96
N VAL D 71 -16.63 -21.17 2.05
CA VAL D 71 -16.99 -20.90 0.67
C VAL D 71 -18.48 -20.72 0.48
N THR D 72 -19.32 -21.25 1.36
CA THR D 72 -20.77 -21.12 1.21
C THR D 72 -21.31 -19.78 1.73
N GLN D 73 -20.52 -19.04 2.50
CA GLN D 73 -20.99 -17.77 3.06
C GLN D 73 -21.39 -16.83 1.93
N GLN D 74 -22.58 -16.24 2.03
CA GLN D 74 -23.13 -15.41 0.97
C GLN D 74 -23.10 -13.93 1.29
N ASP D 75 -22.81 -13.56 2.54
CA ASP D 75 -22.84 -12.16 2.95
C ASP D 75 -21.53 -11.49 2.53
N PRO D 76 -21.60 -10.26 2.00
CA PRO D 76 -20.41 -9.66 1.35
C PRO D 76 -19.24 -9.32 2.26
N SER D 77 -19.41 -9.24 3.59
CA SER D 77 -18.26 -9.04 4.47
C SER D 77 -17.22 -10.17 4.33
N TYR D 78 -17.63 -11.36 3.93
CA TYR D 78 -16.71 -12.49 3.82
C TYR D 78 -15.88 -12.52 2.53
N PHE D 79 -16.04 -11.53 1.64
CA PHE D 79 -15.43 -11.60 0.31
C PHE D 79 -13.92 -11.70 0.38
N ASN D 80 -13.28 -10.93 1.25
CA ASN D 80 -11.82 -10.98 1.34
C ASN D 80 -11.32 -12.26 1.99
N LEU D 81 -12.08 -12.84 2.92
CA LEU D 81 -11.67 -14.12 3.48
C LEU D 81 -11.86 -15.24 2.47
N GLN D 82 -12.91 -15.17 1.65
CA GLN D 82 -13.13 -16.18 0.62
C GLN D 82 -12.08 -16.11 -0.48
N ASN D 83 -11.76 -14.91 -0.95
CA ASN D 83 -10.75 -14.75 -2.01
C ASN D 83 -9.35 -15.10 -1.52
N SER D 84 -9.10 -14.91 -0.23
CA SER D 84 -7.83 -15.33 0.36
C SER D 84 -7.78 -16.84 0.53
N TRP D 85 -8.90 -17.43 0.91
CA TRP D 85 -8.97 -18.87 1.18
C TRP D 85 -8.93 -19.70 -0.11
N LEU D 86 -9.58 -19.21 -1.16
CA LEU D 86 -9.74 -20.02 -2.36
C LEU D 86 -8.43 -20.25 -3.07
N ILE D 87 -7.39 -19.46 -2.78
CA ILE D 87 -6.08 -19.71 -3.36
C ILE D 87 -5.67 -21.16 -3.16
N SER D 88 -5.83 -21.66 -1.94
CA SER D 88 -5.58 -23.07 -1.62
C SER D 88 -6.51 -23.48 -0.51
N PRO D 89 -7.66 -24.06 -0.83
CA PRO D 89 -8.52 -24.55 0.24
C PRO D 89 -7.80 -25.71 0.94
N LEU D 90 -8.05 -25.87 2.25
CA LEU D 90 -7.17 -26.74 3.03
C LEU D 90 -7.28 -28.19 2.63
N GLN D 91 -8.44 -28.61 2.12
CA GLN D 91 -8.50 -29.95 1.57
C GLN D 91 -7.53 -30.10 0.41
N LEU D 92 -7.27 -29.03 -0.34
CA LEU D 92 -6.38 -29.24 -1.46
C LEU D 92 -4.92 -29.09 -1.03
N SER D 93 -4.65 -28.18 -0.09
CA SER D 93 -3.28 -28.03 0.39
C SER D 93 -2.85 -29.21 1.27
N LEU D 94 -3.76 -29.72 2.12
CA LEU D 94 -3.35 -30.79 3.04
C LEU D 94 -3.66 -32.20 2.54
N PHE D 95 -4.59 -32.39 1.61
CA PHE D 95 -4.87 -33.72 1.08
C PHE D 95 -4.81 -33.81 -0.44
N GLY D 96 -4.52 -32.70 -1.12
CA GLY D 96 -4.47 -32.70 -2.56
C GLY D 96 -5.73 -33.17 -3.24
N SER D 97 -6.88 -33.02 -2.56
CA SER D 97 -8.13 -33.62 -2.98
C SER D 97 -9.17 -32.54 -3.20
N GLN D 98 -10.12 -32.82 -4.10
CA GLN D 98 -11.32 -32.01 -4.26
C GLN D 98 -12.59 -32.85 -4.20
N LEU D 99 -12.54 -34.05 -3.59
CA LEU D 99 -13.64 -35.01 -3.59
C LEU D 99 -14.36 -35.15 -2.25
N ALA D 100 -14.15 -34.26 -1.27
CA ALA D 100 -14.78 -34.48 0.04
C ALA D 100 -16.28 -34.54 -0.05
N GLY D 101 -16.90 -33.78 -0.97
CA GLY D 101 -18.35 -33.84 -1.11
C GLY D 101 -18.87 -35.26 -1.24
N TYR D 102 -18.10 -36.12 -1.89
CA TYR D 102 -18.40 -37.54 -1.96
C TYR D 102 -17.59 -38.39 -0.98
N GLN D 103 -16.31 -38.07 -0.78
CA GLN D 103 -15.45 -38.97 -0.04
C GLN D 103 -15.61 -38.85 1.46
N PHE D 104 -16.09 -37.70 1.94
CA PHE D 104 -16.41 -37.57 3.36
C PHE D 104 -17.39 -38.65 3.78
N PHE D 105 -18.35 -38.97 2.90
CA PHE D 105 -19.37 -39.95 3.18
C PHE D 105 -18.90 -41.39 2.94
N GLU D 106 -17.95 -41.60 2.03
CA GLU D 106 -17.32 -42.91 1.89
C GLU D 106 -16.57 -43.29 3.16
N ILE D 107 -15.79 -42.36 3.69
CA ILE D 107 -15.13 -42.58 4.97
C ILE D 107 -16.15 -42.79 6.09
N LEU D 108 -17.25 -42.01 6.08
CA LEU D 108 -18.22 -42.12 7.19
C LEU D 108 -18.88 -43.50 7.20
N GLU D 109 -19.17 -44.04 6.02
CA GLU D 109 -19.75 -45.38 5.94
C GLU D 109 -18.73 -46.47 6.30
N GLN D 110 -17.44 -46.23 6.05
CA GLN D 110 -16.41 -47.11 6.59
C GLN D 110 -16.48 -47.15 8.12
N LEU D 111 -16.71 -45.99 8.76
CA LEU D 111 -16.70 -45.88 10.22
C LEU D 111 -17.96 -46.44 10.85
N ARG D 112 -19.11 -46.30 10.19
CA ARG D 112 -20.32 -46.91 10.70
C ARG D 112 -20.18 -48.42 10.78
N SER D 113 -19.58 -49.03 9.75
CA SER D 113 -19.42 -50.49 9.69
C SER D 113 -18.48 -51.02 10.79
N ARG D 114 -17.44 -50.27 11.12
CA ARG D 114 -16.45 -50.66 12.12
C ARG D 114 -16.91 -50.43 13.56
N GLY D 115 -18.04 -49.78 13.78
CA GLY D 115 -18.69 -49.81 15.08
C GLY D 115 -17.82 -49.21 16.18
N LYS D 116 -17.55 -50.01 17.20
CA LYS D 116 -16.82 -49.52 18.36
C LYS D 116 -15.32 -49.39 18.12
N GLU D 117 -14.80 -49.96 17.03
CA GLU D 117 -13.36 -49.87 16.82
C GLU D 117 -12.93 -48.50 16.33
N ARG D 118 -13.81 -47.78 15.65
CA ARG D 118 -13.52 -46.44 15.14
C ARG D 118 -14.51 -45.41 15.68
N LEU D 119 -15.02 -45.65 16.89
CA LEU D 119 -16.10 -44.81 17.43
C LEU D 119 -15.63 -43.40 17.74
N ALA D 120 -14.35 -43.20 18.08
CA ALA D 120 -13.87 -41.84 18.33
C ALA D 120 -13.91 -41.01 17.05
N ALA D 121 -13.39 -41.55 15.94
CA ALA D 121 -13.46 -40.85 14.68
C ALA D 121 -14.89 -40.69 14.20
N LEU D 122 -15.76 -41.67 14.47
CA LEU D 122 -17.12 -41.59 13.94
C LEU D 122 -17.90 -40.49 14.62
N GLU D 123 -17.62 -40.23 15.89
CA GLU D 123 -18.24 -39.10 16.58
C GLU D 123 -17.83 -37.77 15.94
N VAL D 124 -16.60 -37.70 15.41
CA VAL D 124 -16.14 -36.47 14.75
C VAL D 124 -16.96 -36.20 13.49
N PHE D 125 -17.17 -37.23 12.65
CA PHE D 125 -17.87 -37.03 11.39
C PHE D 125 -19.33 -36.66 11.63
N HIS D 126 -19.95 -37.18 12.69
CA HIS D 126 -21.29 -36.76 13.07
C HIS D 126 -21.29 -35.29 13.51
N TYR D 127 -20.29 -34.88 14.29
CA TYR D 127 -20.23 -33.51 14.77
C TYR D 127 -20.01 -32.53 13.62
N CYS D 128 -19.28 -32.95 12.58
CA CYS D 128 -19.19 -32.13 11.37
C CYS D 128 -20.54 -32.00 10.67
N LEU D 129 -21.33 -33.07 10.60
CA LEU D 129 -22.62 -32.94 9.93
C LEU D 129 -23.55 -32.01 10.70
N LEU D 130 -23.52 -32.09 12.05
CA LEU D 130 -24.34 -31.19 12.88
C LEU D 130 -23.88 -29.75 12.79
N LEU D 131 -22.61 -29.50 12.39
CA LEU D 131 -22.15 -28.15 12.13
C LEU D 131 -22.28 -27.77 10.66
N GLY D 132 -23.13 -28.48 9.92
CA GLY D 132 -23.59 -27.97 8.66
C GLY D 132 -22.95 -28.57 7.43
N PHE D 133 -22.09 -29.58 7.59
CA PHE D 133 -21.45 -30.15 6.42
C PHE D 133 -22.48 -30.88 5.57
N GLN D 134 -22.54 -30.55 4.29
CA GLN D 134 -23.48 -31.16 3.36
C GLN D 134 -22.82 -32.04 2.30
N GLY D 135 -21.65 -31.66 1.79
CA GLY D 135 -21.00 -32.46 0.77
C GLY D 135 -21.90 -32.62 -0.42
N LYS D 136 -22.07 -33.87 -0.87
CA LYS D 136 -22.88 -34.21 -2.04
C LYS D 136 -24.38 -33.94 -1.81
N TYR D 137 -24.79 -33.71 -0.57
CA TYR D 137 -26.18 -33.37 -0.29
C TYR D 137 -26.51 -31.92 -0.62
N ARG D 138 -25.65 -31.20 -1.38
CA ARG D 138 -26.02 -29.89 -1.95
C ARG D 138 -27.28 -30.01 -2.78
N ILE D 139 -27.32 -31.00 -3.67
CA ILE D 139 -28.43 -31.23 -4.58
C ILE D 139 -29.55 -31.99 -3.90
N GLU D 140 -29.24 -32.77 -2.87
CA GLU D 140 -30.23 -33.60 -2.21
C GLU D 140 -31.14 -32.73 -1.34
N SER D 141 -32.20 -33.37 -0.86
CA SER D 141 -33.16 -32.67 -0.03
C SER D 141 -32.62 -32.47 1.39
N ILE D 142 -33.32 -31.64 2.16
CA ILE D 142 -32.97 -31.45 3.56
C ILE D 142 -33.32 -32.67 4.39
N GLU D 143 -34.25 -33.49 3.91
CA GLU D 143 -34.70 -34.60 4.74
C GLU D 143 -33.70 -35.75 4.66
N SER D 144 -33.16 -36.01 3.48
CA SER D 144 -32.22 -37.11 3.31
C SER D 144 -31.00 -36.93 4.19
N LEU D 145 -30.53 -35.68 4.32
CA LEU D 145 -29.34 -35.40 5.10
C LEU D 145 -29.65 -35.26 6.58
N ASN D 146 -30.81 -34.70 6.95
CA ASN D 146 -31.18 -34.71 8.38
C ASN D 146 -31.39 -36.13 8.89
N HIS D 147 -32.07 -36.96 8.10
CA HIS D 147 -32.31 -38.34 8.48
C HIS D 147 -30.99 -39.08 8.69
N LEU D 148 -29.99 -38.82 7.83
CA LEU D 148 -28.70 -39.47 7.99
C LEU D 148 -28.00 -39.04 9.27
N VAL D 149 -28.09 -37.74 9.62
CA VAL D 149 -27.44 -37.25 10.84
C VAL D 149 -28.09 -37.86 12.08
N ALA D 150 -29.43 -37.97 12.07
CA ALA D 150 -30.15 -38.56 13.21
C ALA D 150 -29.75 -40.02 13.41
N ARG D 151 -29.50 -40.75 12.33
CA ARG D 151 -29.19 -42.17 12.44
C ARG D 151 -27.74 -42.42 12.81
N VAL D 152 -26.80 -41.62 12.32
CA VAL D 152 -25.45 -41.75 12.85
C VAL D 152 -25.47 -41.40 14.32
N GLY D 153 -26.31 -40.43 14.69
CA GLY D 153 -26.42 -40.10 16.10
C GLY D 153 -26.93 -41.26 16.93
N ASP D 154 -27.93 -41.99 16.40
CA ASP D 154 -28.48 -43.14 17.11
C ASP D 154 -27.50 -44.28 17.22
N GLU D 155 -26.78 -44.58 16.13
CA GLU D 155 -25.81 -45.68 16.17
C GLU D 155 -24.70 -45.38 17.15
N ILE D 156 -24.28 -44.11 17.24
CA ILE D 156 -23.28 -43.74 18.23
C ILE D 156 -23.81 -44.00 19.62
N ASP D 157 -25.06 -43.58 19.89
CA ASP D 157 -25.68 -43.85 21.19
C ASP D 157 -25.81 -45.34 21.46
N TYR D 158 -26.12 -46.12 20.43
CA TYR D 158 -26.19 -47.56 20.58
C TYR D 158 -24.80 -48.16 20.84
N LEU D 159 -23.78 -47.60 20.20
CA LEU D 159 -22.44 -48.12 20.43
C LEU D 159 -21.90 -47.74 21.81
N LYS D 160 -22.57 -46.85 22.54
CA LYS D 160 -22.15 -46.56 23.91
C LYS D 160 -22.97 -47.32 24.96
N ILE E 2 -14.80 -14.23 41.48
CA ILE E 2 -13.83 -14.80 40.55
C ILE E 2 -13.89 -14.02 39.24
N ASN E 3 -15.11 -13.78 38.77
CA ASN E 3 -15.39 -13.26 37.44
C ASN E 3 -15.39 -11.73 37.44
N LEU E 4 -15.30 -11.14 36.25
CA LEU E 4 -15.36 -9.69 36.13
C LEU E 4 -16.78 -9.17 36.30
N ILE E 5 -17.79 -9.98 35.96
CA ILE E 5 -19.19 -9.59 36.23
C ILE E 5 -19.42 -9.47 37.73
N ASP E 6 -18.79 -10.36 38.51
CA ASP E 6 -18.91 -10.34 39.97
C ASP E 6 -18.23 -9.13 40.62
N LEU E 7 -17.16 -8.61 40.04
CA LEU E 7 -16.56 -7.39 40.57
C LEU E 7 -17.37 -6.16 40.22
N LEU E 8 -18.10 -6.21 39.10
CA LEU E 8 -19.04 -5.17 38.68
C LEU E 8 -20.45 -5.38 39.25
N HIS E 9 -20.60 -6.29 40.22
CA HIS E 9 -21.92 -6.60 40.78
C HIS E 9 -22.55 -5.33 41.37
N ASP E 10 -21.75 -4.50 42.04
CA ASP E 10 -22.28 -3.24 42.58
C ASP E 10 -22.62 -2.24 41.47
N GLY E 11 -21.82 -2.20 40.39
CA GLY E 11 -22.09 -1.26 39.32
C GLY E 11 -23.32 -1.61 38.50
N PHE E 12 -23.47 -2.89 38.16
CA PHE E 12 -24.61 -3.35 37.36
C PHE E 12 -25.94 -3.16 38.07
N TYR E 13 -25.94 -3.18 39.41
CA TYR E 13 -27.20 -2.99 40.13
C TYR E 13 -27.76 -1.59 39.90
N LEU E 14 -26.88 -0.59 39.74
CA LEU E 14 -27.37 0.76 39.45
C LEU E 14 -27.78 0.92 37.98
N ILE E 15 -27.21 0.12 37.06
CA ILE E 15 -27.76 0.04 35.70
C ILE E 15 -29.17 -0.54 35.75
N PHE E 16 -29.34 -1.60 36.55
CA PHE E 16 -30.62 -2.28 36.68
C PHE E 16 -31.65 -1.36 37.33
N LEU E 17 -31.25 -0.52 38.29
CA LEU E 17 -32.26 0.38 38.88
C LEU E 17 -32.75 1.40 37.88
N ILE E 18 -31.84 1.98 37.08
CA ILE E 18 -32.25 2.97 36.09
C ILE E 18 -33.11 2.34 35.00
N ARG E 19 -32.75 1.15 34.54
CA ARG E 19 -33.62 0.49 33.57
C ARG E 19 -34.97 0.17 34.16
N ASN E 20 -35.03 -0.07 35.47
CA ASN E 20 -36.26 -0.34 36.18
C ASN E 20 -36.95 0.95 36.62
N GLN E 21 -36.62 2.09 35.98
CA GLN E 21 -37.31 3.38 36.06
C GLN E 21 -37.02 4.13 37.35
N TYR E 22 -36.05 3.68 38.13
CA TYR E 22 -35.64 4.41 39.32
C TYR E 22 -34.84 5.64 38.90
N VAL E 23 -35.09 6.76 39.57
CA VAL E 23 -34.43 8.03 39.29
C VAL E 23 -33.59 8.38 40.52
N PRO E 24 -32.31 8.65 40.38
CA PRO E 24 -31.50 9.04 41.54
C PRO E 24 -31.87 10.43 42.04
N ALA E 25 -31.97 10.56 43.36
CA ALA E 25 -32.32 11.85 43.95
C ALA E 25 -31.25 12.91 43.70
N ASP E 26 -29.98 12.50 43.66
CA ASP E 26 -28.83 13.41 43.50
C ASP E 26 -27.97 12.95 42.32
N PRO E 27 -28.11 13.59 41.15
CA PRO E 27 -27.32 13.16 39.98
C PRO E 27 -25.80 13.18 40.15
N GLN E 28 -25.22 14.23 40.73
CA GLN E 28 -23.76 14.30 40.84
C GLN E 28 -23.25 13.41 41.96
N ARG E 29 -24.04 13.18 43.01
CA ARG E 29 -23.65 12.17 43.99
C ARG E 29 -23.73 10.78 43.39
N PHE E 30 -24.79 10.52 42.62
CA PHE E 30 -24.92 9.27 41.88
C PHE E 30 -23.73 9.04 40.97
N ARG E 31 -23.27 10.09 40.30
CA ARG E 31 -22.22 9.92 39.31
C ARG E 31 -20.84 9.78 39.92
N GLU E 32 -20.60 10.41 41.08
CA GLU E 32 -19.38 10.10 41.83
C GLU E 32 -19.44 8.73 42.48
N LYS E 33 -20.64 8.14 42.56
CA LYS E 33 -20.75 6.77 43.05
C LYS E 33 -20.32 5.77 41.96
N ILE E 34 -20.67 6.04 40.69
CA ILE E 34 -20.21 5.20 39.59
C ILE E 34 -18.69 5.27 39.46
N LEU E 35 -18.13 6.49 39.52
CA LEU E 35 -16.69 6.65 39.39
C LEU E 35 -15.94 5.98 40.55
N ASP E 36 -16.50 6.03 41.77
CA ASP E 36 -15.84 5.39 42.90
C ASP E 36 -16.00 3.88 42.88
N LEU E 37 -17.05 3.36 42.23
CA LEU E 37 -17.17 1.91 42.06
C LEU E 37 -16.22 1.40 40.99
N LEU E 38 -15.87 2.23 39.98
CA LEU E 38 -14.91 1.83 38.94
C LEU E 38 -13.47 1.85 39.42
N ASN E 39 -13.14 2.72 40.37
CA ASN E 39 -11.81 2.64 40.97
C ASN E 39 -11.69 1.41 41.84
N ARG E 40 -12.73 1.13 42.62
CA ARG E 40 -12.73 -0.08 43.42
C ARG E 40 -12.70 -1.32 42.52
N PHE E 41 -13.53 -1.33 41.47
CA PHE E 41 -13.54 -2.45 40.51
C PHE E 41 -12.16 -2.67 39.92
N GLU E 42 -11.43 -1.58 39.67
CA GLU E 42 -10.12 -1.68 39.07
C GLU E 42 -9.08 -2.12 40.08
N GLN E 43 -9.08 -1.51 41.25
CA GLN E 43 -8.12 -1.92 42.27
C GLN E 43 -8.39 -3.33 42.78
N GLN E 44 -9.65 -3.80 42.74
CA GLN E 44 -9.90 -5.17 43.20
C GLN E 44 -9.55 -6.21 42.15
N ALA E 45 -9.88 -5.92 40.87
CA ALA E 45 -9.56 -6.81 39.74
C ALA E 45 -8.07 -6.85 39.42
N LYS E 46 -7.36 -5.73 39.58
CA LYS E 46 -5.91 -5.78 39.48
C LYS E 46 -5.33 -6.66 40.58
N LYS E 47 -6.00 -6.75 41.73
CA LYS E 47 -5.41 -7.49 42.82
C LYS E 47 -5.63 -9.01 42.67
N LEU E 48 -6.68 -9.39 41.92
CA LEU E 48 -6.98 -10.73 41.48
C LEU E 48 -6.31 -11.12 40.18
N GLN E 49 -5.40 -10.28 39.64
CA GLN E 49 -4.48 -10.64 38.56
C GLN E 49 -5.12 -10.62 37.17
N PHE E 50 -6.20 -9.87 36.94
CA PHE E 50 -6.71 -9.73 35.57
C PHE E 50 -5.77 -8.89 34.71
N SER E 51 -5.83 -9.15 33.40
CA SER E 51 -5.01 -8.40 32.45
C SER E 51 -5.44 -6.93 32.41
N ALA E 52 -4.49 -6.06 32.08
CA ALA E 52 -4.83 -4.64 31.96
C ALA E 52 -5.88 -4.41 30.88
N ASP E 53 -5.88 -5.23 29.83
CA ASP E 53 -6.86 -5.07 28.77
C ASP E 53 -8.24 -5.56 29.23
N ASP E 54 -8.29 -6.64 30.01
CA ASP E 54 -9.58 -7.07 30.55
C ASP E 54 -10.18 -5.99 31.44
N ILE E 55 -9.36 -5.38 32.30
CA ILE E 55 -9.85 -4.29 33.16
C ILE E 55 -10.29 -3.10 32.29
N HIS E 56 -9.49 -2.72 31.31
CA HIS E 56 -9.82 -1.58 30.46
C HIS E 56 -11.14 -1.82 29.72
N ASP E 57 -11.34 -3.03 29.19
CA ASP E 57 -12.51 -3.29 28.38
C ASP E 57 -13.78 -3.50 29.20
N ALA E 58 -13.67 -4.00 30.43
CA ALA E 58 -14.86 -4.13 31.26
C ALA E 58 -15.42 -2.76 31.65
N LYS E 59 -14.57 -1.86 32.13
CA LYS E 59 -15.03 -0.51 32.41
C LYS E 59 -15.55 0.18 31.15
N TYR E 60 -14.88 -0.02 30.02
CA TYR E 60 -15.31 0.62 28.78
C TYR E 60 -16.71 0.17 28.40
N ALA E 61 -16.95 -1.14 28.45
CA ALA E 61 -18.29 -1.65 28.11
C ALA E 61 -19.32 -1.12 29.09
N PHE E 62 -18.96 -1.12 30.38
CA PHE E 62 -19.88 -0.61 31.41
C PHE E 62 -20.13 0.88 31.28
N CYS E 63 -19.11 1.66 30.88
CA CYS E 63 -19.37 3.08 30.70
C CYS E 63 -20.23 3.35 29.47
N ALA E 64 -19.98 2.63 28.36
CA ALA E 64 -20.89 2.75 27.23
C ALA E 64 -22.30 2.38 27.64
N LEU E 65 -22.42 1.43 28.57
CA LEU E 65 -23.69 0.90 29.02
C LEU E 65 -24.44 1.88 29.93
N ILE E 66 -23.75 2.46 30.91
CA ILE E 66 -24.37 3.44 31.81
C ILE E 66 -24.76 4.70 31.04
N ASP E 67 -23.96 5.09 30.04
CA ASP E 67 -24.27 6.32 29.29
C ASP E 67 -25.53 6.17 28.44
N GLU E 68 -25.72 5.00 27.82
CA GLU E 68 -26.83 4.86 26.90
C GLU E 68 -28.13 4.61 27.65
N THR E 69 -28.07 3.96 28.81
CA THR E 69 -29.25 3.82 29.66
C THR E 69 -29.76 5.19 30.08
N ILE E 70 -28.87 6.06 30.53
CA ILE E 70 -29.28 7.36 31.03
C ILE E 70 -29.78 8.24 29.87
N VAL E 71 -29.06 8.28 28.75
CA VAL E 71 -29.41 9.21 27.68
C VAL E 71 -30.67 8.80 26.91
N THR E 72 -30.98 7.51 26.84
CA THR E 72 -32.13 7.05 26.06
C THR E 72 -33.47 7.16 26.78
N GLN E 73 -33.48 7.40 28.10
CA GLN E 73 -34.73 7.43 28.86
C GLN E 73 -35.70 8.43 28.26
N GLN E 74 -36.95 7.99 28.11
CA GLN E 74 -38.01 8.82 27.54
C GLN E 74 -38.94 9.42 28.57
N ASP E 75 -38.90 8.94 29.81
CA ASP E 75 -39.82 9.53 30.76
C ASP E 75 -39.23 10.82 31.32
N PRO E 76 -40.02 11.89 31.43
CA PRO E 76 -39.45 13.21 31.76
C PRO E 76 -38.92 13.31 33.17
N SER E 77 -39.31 12.39 34.07
CA SER E 77 -38.75 12.38 35.42
C SER E 77 -37.23 12.31 35.40
N TYR E 78 -36.65 11.78 34.32
CA TYR E 78 -35.21 11.67 34.14
C TYR E 78 -34.57 12.96 33.64
N PHE E 79 -35.32 14.07 33.56
CA PHE E 79 -34.79 15.26 32.89
C PHE E 79 -33.57 15.81 33.62
N ASN E 80 -33.63 15.91 34.95
CA ASN E 80 -32.49 16.46 35.67
C ASN E 80 -31.28 15.52 35.65
N LEU E 81 -31.51 14.20 35.61
CA LEU E 81 -30.35 13.30 35.58
C LEU E 81 -29.65 13.34 34.23
N GLN E 82 -30.43 13.47 33.15
CA GLN E 82 -29.85 13.60 31.81
C GLN E 82 -29.11 14.91 31.60
N ASN E 83 -29.67 16.02 32.08
CA ASN E 83 -29.03 17.32 31.87
C ASN E 83 -27.71 17.43 32.61
N SER E 84 -27.63 16.84 33.81
CA SER E 84 -26.39 16.81 34.55
C SER E 84 -25.40 15.82 33.95
N TRP E 85 -25.90 14.73 33.38
CA TRP E 85 -25.00 13.73 32.83
C TRP E 85 -24.39 14.20 31.51
N LEU E 86 -25.17 14.88 30.67
CA LEU E 86 -24.71 15.23 29.33
C LEU E 86 -23.53 16.21 29.35
N ILE E 87 -23.31 16.90 30.47
CA ILE E 87 -22.16 17.79 30.61
C ILE E 87 -20.86 17.09 30.24
N SER E 88 -20.66 15.85 30.76
CA SER E 88 -19.53 15.02 30.38
C SER E 88 -19.92 13.54 30.56
N PRO E 89 -20.33 12.86 29.50
CA PRO E 89 -20.65 11.43 29.62
C PRO E 89 -19.40 10.60 29.90
N LEU E 90 -19.60 9.47 30.60
CA LEU E 90 -18.43 8.74 31.13
C LEU E 90 -17.57 8.14 30.01
N GLN E 91 -18.15 7.86 28.84
CA GLN E 91 -17.36 7.50 27.66
C GLN E 91 -16.44 8.63 27.25
N LEU E 92 -16.90 9.88 27.40
CA LEU E 92 -16.10 11.03 27.00
C LEU E 92 -15.20 11.53 28.14
N SER E 93 -15.66 11.40 29.39
CA SER E 93 -14.88 11.80 30.54
C SER E 93 -13.68 10.86 30.76
N LEU E 94 -13.88 9.53 30.66
CA LEU E 94 -12.83 8.56 30.96
C LEU E 94 -12.03 8.12 29.75
N PHE E 95 -12.57 8.19 28.54
CA PHE E 95 -11.82 7.77 27.37
C PHE E 95 -11.78 8.81 26.25
N GLY E 96 -12.40 9.97 26.43
CA GLY E 96 -12.43 10.92 25.35
C GLY E 96 -13.05 10.42 24.05
N SER E 97 -13.95 9.45 24.12
CA SER E 97 -14.50 8.81 22.93
C SER E 97 -16.01 9.06 22.91
N GLN E 98 -16.55 9.21 21.69
CA GLN E 98 -17.98 9.23 21.46
C GLN E 98 -18.39 8.17 20.45
N LEU E 99 -17.52 7.19 20.21
CA LEU E 99 -17.69 6.18 19.17
C LEU E 99 -18.06 4.81 19.71
N ALA E 100 -18.51 4.73 20.97
CA ALA E 100 -18.80 3.45 21.59
C ALA E 100 -19.85 2.65 20.83
N GLY E 101 -20.80 3.32 20.18
CA GLY E 101 -21.83 2.63 19.40
C GLY E 101 -21.31 1.67 18.36
N TYR E 102 -20.13 1.97 17.79
CA TYR E 102 -19.43 1.13 16.80
C TYR E 102 -18.27 0.36 17.43
N GLN E 103 -17.51 1.00 18.32
CA GLN E 103 -16.27 0.45 18.82
C GLN E 103 -16.50 -0.60 19.90
N PHE E 104 -17.64 -0.51 20.58
CA PHE E 104 -18.07 -1.58 21.49
C PHE E 104 -18.14 -2.89 20.76
N PHE E 105 -18.58 -2.87 19.50
CA PHE E 105 -18.72 -4.08 18.72
C PHE E 105 -17.42 -4.48 18.04
N GLU E 106 -16.50 -3.54 17.77
CA GLU E 106 -15.16 -3.93 17.36
C GLU E 106 -14.46 -4.68 18.48
N ILE E 107 -14.53 -4.15 19.72
CA ILE E 107 -13.94 -4.87 20.85
C ILE E 107 -14.64 -6.20 21.05
N LEU E 108 -15.96 -6.23 20.86
CA LEU E 108 -16.68 -7.47 21.07
C LEU E 108 -16.22 -8.54 20.08
N GLU E 109 -15.88 -8.13 18.85
CA GLU E 109 -15.39 -9.11 17.88
C GLU E 109 -13.99 -9.57 18.23
N GLN E 110 -13.11 -8.66 18.66
CA GLN E 110 -11.77 -9.08 19.06
C GLN E 110 -11.81 -10.10 20.20
N LEU E 111 -12.82 -9.98 21.11
CA LEU E 111 -12.94 -10.90 22.24
C LEU E 111 -13.52 -12.25 21.84
N ARG E 112 -14.50 -12.26 20.92
CA ARG E 112 -15.07 -13.51 20.42
C ARG E 112 -13.98 -14.35 19.77
N SER E 113 -13.12 -13.69 19.00
CA SER E 113 -12.03 -14.38 18.32
C SER E 113 -11.03 -14.95 19.32
N ARG E 114 -10.76 -14.23 20.41
CA ARG E 114 -9.80 -14.74 21.38
C ARG E 114 -10.40 -15.76 22.31
N GLY E 115 -11.72 -15.87 22.35
CA GLY E 115 -12.35 -17.03 22.97
C GLY E 115 -11.96 -17.19 24.41
N LYS E 116 -11.26 -18.29 24.71
CA LYS E 116 -11.00 -18.69 26.08
C LYS E 116 -10.02 -17.75 26.78
N GLU E 117 -9.16 -17.07 26.03
CA GLU E 117 -8.18 -16.18 26.64
C GLU E 117 -8.78 -14.86 27.09
N ARG E 118 -9.88 -14.41 26.48
CA ARG E 118 -10.52 -13.18 26.93
C ARG E 118 -11.97 -13.45 27.35
N LEU E 119 -12.22 -14.63 27.92
CA LEU E 119 -13.59 -15.02 28.24
C LEU E 119 -14.18 -14.21 29.38
N ALA E 120 -13.35 -13.75 30.33
CA ALA E 120 -13.86 -12.88 31.39
C ALA E 120 -14.34 -11.54 30.84
N ALA E 121 -13.55 -10.93 29.94
CA ALA E 121 -13.99 -9.70 29.30
C ALA E 121 -15.21 -9.93 28.42
N LEU E 122 -15.25 -11.09 27.73
CA LEU E 122 -16.32 -11.30 26.76
C LEU E 122 -17.66 -11.51 27.45
N GLU E 123 -17.67 -12.10 28.65
CA GLU E 123 -18.92 -12.22 29.40
C GLU E 123 -19.45 -10.86 29.81
N VAL E 124 -18.55 -9.90 30.07
CA VAL E 124 -18.97 -8.55 30.44
C VAL E 124 -19.69 -7.89 29.27
N PHE E 125 -19.14 -8.01 28.05
CA PHE E 125 -19.77 -7.39 26.89
C PHE E 125 -21.12 -8.03 26.59
N HIS E 126 -21.24 -9.35 26.80
CA HIS E 126 -22.51 -10.04 26.65
C HIS E 126 -23.51 -9.57 27.71
N TYR E 127 -23.06 -9.41 28.95
CA TYR E 127 -23.98 -9.01 30.00
C TYR E 127 -24.42 -7.55 29.83
N CYS E 128 -23.59 -6.70 29.25
CA CYS E 128 -24.06 -5.36 28.88
C CYS E 128 -25.14 -5.44 27.80
N LEU E 129 -24.98 -6.36 26.85
CA LEU E 129 -26.00 -6.52 25.81
C LEU E 129 -27.31 -7.04 26.38
N LEU E 130 -27.25 -7.92 27.40
CA LEU E 130 -28.49 -8.36 28.02
C LEU E 130 -29.18 -7.25 28.81
N LEU E 131 -28.43 -6.24 29.29
CA LEU E 131 -29.01 -5.11 30.00
C LEU E 131 -29.31 -3.91 29.09
N GLY E 132 -29.39 -4.12 27.77
CA GLY E 132 -30.00 -3.15 26.87
C GLY E 132 -29.08 -2.37 25.96
N PHE E 133 -27.78 -2.64 25.95
CA PHE E 133 -26.90 -1.87 25.10
C PHE E 133 -27.19 -2.20 23.64
N GLN E 134 -27.41 -1.16 22.84
CA GLN E 134 -27.71 -1.31 21.41
C GLN E 134 -26.62 -0.73 20.50
N GLY E 135 -26.02 0.39 20.88
CA GLY E 135 -24.98 1.01 20.04
C GLY E 135 -25.49 1.35 18.65
N LYS E 136 -24.74 0.92 17.64
CA LYS E 136 -25.11 1.19 16.26
C LYS E 136 -26.37 0.47 15.82
N TYR E 137 -26.80 -0.57 16.55
CA TYR E 137 -27.97 -1.37 16.21
C TYR E 137 -29.29 -0.71 16.55
N ARG E 138 -29.28 0.55 17.01
CA ARG E 138 -30.53 1.30 17.14
C ARG E 138 -31.10 1.66 15.78
N ILE E 139 -30.22 1.85 14.80
CA ILE E 139 -30.66 2.04 13.42
C ILE E 139 -31.10 0.71 12.83
N GLU E 140 -30.35 -0.36 13.10
CA GLU E 140 -30.62 -1.65 12.51
C GLU E 140 -31.83 -2.32 13.17
N SER E 141 -32.08 -3.56 12.80
CA SER E 141 -33.30 -4.19 13.25
C SER E 141 -33.15 -4.70 14.69
N ILE E 142 -34.30 -5.10 15.26
CA ILE E 142 -34.30 -5.83 16.53
C ILE E 142 -33.51 -7.12 16.38
N GLU E 143 -33.96 -7.96 15.45
CA GLU E 143 -33.48 -9.34 15.39
C GLU E 143 -31.97 -9.38 15.16
N SER E 144 -31.45 -8.48 14.33
CA SER E 144 -30.02 -8.54 14.03
C SER E 144 -29.19 -8.49 15.30
N LEU E 145 -29.60 -7.66 16.26
CA LEU E 145 -28.84 -7.52 17.50
C LEU E 145 -29.17 -8.64 18.48
N ASN E 146 -30.43 -9.08 18.47
CA ASN E 146 -30.81 -10.21 19.30
C ASN E 146 -30.08 -11.47 18.85
N HIS E 147 -29.93 -11.68 17.54
CA HIS E 147 -29.25 -12.89 17.11
C HIS E 147 -27.79 -12.84 17.57
N LEU E 148 -27.17 -11.66 17.48
CA LEU E 148 -25.78 -11.49 17.90
C LEU E 148 -25.61 -11.73 19.41
N VAL E 149 -26.56 -11.23 20.21
CA VAL E 149 -26.54 -11.52 21.63
C VAL E 149 -26.73 -13.00 21.86
N ALA E 150 -27.63 -13.64 21.10
CA ALA E 150 -27.89 -15.05 21.28
C ALA E 150 -26.68 -15.89 20.98
N ARG E 151 -25.95 -15.55 19.91
CA ARG E 151 -24.80 -16.36 19.53
C ARG E 151 -23.57 -16.03 20.36
N VAL E 152 -23.39 -14.77 20.77
CA VAL E 152 -22.34 -14.54 21.76
C VAL E 152 -22.67 -15.33 23.01
N GLY E 153 -23.97 -15.43 23.34
CA GLY E 153 -24.36 -16.25 24.48
C GLY E 153 -23.99 -17.71 24.28
N ASP E 154 -24.21 -18.21 23.06
CA ASP E 154 -23.87 -19.59 22.75
C ASP E 154 -22.35 -19.79 22.73
N GLU E 155 -21.60 -18.82 22.21
CA GLU E 155 -20.15 -18.98 22.19
C GLU E 155 -19.60 -19.07 23.61
N ILE E 156 -20.19 -18.31 24.53
CA ILE E 156 -19.83 -18.37 25.95
C ILE E 156 -20.20 -19.72 26.56
N ASP E 157 -21.41 -20.22 26.29
CA ASP E 157 -21.78 -21.56 26.78
C ASP E 157 -20.81 -22.61 26.22
N TYR E 158 -20.39 -22.44 24.97
CA TYR E 158 -19.49 -23.40 24.34
C TYR E 158 -18.10 -23.35 24.97
N LEU E 159 -17.61 -22.16 25.32
CA LEU E 159 -16.26 -22.06 25.86
C LEU E 159 -16.13 -22.65 27.27
N LYS E 160 -17.26 -22.86 27.96
CA LYS E 160 -17.39 -23.61 29.22
C LYS E 160 -17.96 -25.03 28.99
N ILE F 2 -4.34 31.13 -4.14
CA ILE F 2 -4.36 32.15 -5.18
C ILE F 2 -4.65 31.48 -6.52
N ASN F 3 -5.03 32.29 -7.51
CA ASN F 3 -5.75 31.87 -8.70
C ASN F 3 -5.12 32.61 -9.87
N LEU F 4 -5.35 32.15 -11.11
CA LEU F 4 -4.81 32.95 -12.22
C LEU F 4 -5.63 34.20 -12.47
N ILE F 5 -6.94 34.19 -12.19
CA ILE F 5 -7.70 35.44 -12.25
C ILE F 5 -7.17 36.43 -11.21
N ASP F 6 -6.71 35.94 -10.06
CA ASP F 6 -6.18 36.83 -9.04
C ASP F 6 -4.82 37.41 -9.43
N LEU F 7 -3.99 36.65 -10.17
CA LEU F 7 -2.69 37.20 -10.59
C LEU F 7 -2.83 38.23 -11.69
N LEU F 8 -3.89 38.14 -12.50
CA LEU F 8 -4.20 39.14 -13.53
C LEU F 8 -5.07 40.28 -12.99
N HIS F 9 -5.24 40.37 -11.66
CA HIS F 9 -6.12 41.37 -11.06
C HIS F 9 -5.74 42.79 -11.47
N ASP F 10 -4.42 43.07 -11.56
CA ASP F 10 -3.93 44.39 -11.95
C ASP F 10 -4.15 44.68 -13.43
N GLY F 11 -3.98 43.69 -14.30
CA GLY F 11 -4.26 43.91 -15.71
C GLY F 11 -5.75 44.04 -16.00
N PHE F 12 -6.58 43.19 -15.39
CA PHE F 12 -8.04 43.27 -15.60
C PHE F 12 -8.59 44.61 -15.12
N TYR F 13 -7.92 45.27 -14.18
CA TYR F 13 -8.39 46.57 -13.70
C TYR F 13 -8.34 47.61 -14.81
N LEU F 14 -7.34 47.51 -15.70
CA LEU F 14 -7.23 48.43 -16.82
C LEU F 14 -8.21 48.13 -17.94
N ILE F 15 -8.64 46.87 -18.10
CA ILE F 15 -9.78 46.56 -18.97
C ILE F 15 -11.03 47.22 -18.44
N PHE F 16 -11.23 47.14 -17.12
CA PHE F 16 -12.42 47.73 -16.52
C PHE F 16 -12.46 49.22 -16.75
N LEU F 17 -11.30 49.89 -16.74
CA LEU F 17 -11.31 51.33 -16.94
C LEU F 17 -11.70 51.68 -18.38
N ILE F 18 -11.12 51.00 -19.36
CA ILE F 18 -11.42 51.33 -20.75
C ILE F 18 -12.90 51.12 -21.02
N ARG F 19 -13.46 50.02 -20.52
CA ARG F 19 -14.89 49.80 -20.66
C ARG F 19 -15.71 50.85 -19.89
N ASN F 20 -15.18 51.35 -18.77
CA ASN F 20 -15.80 52.43 -18.04
C ASN F 20 -15.40 53.79 -18.62
N GLN F 21 -14.89 53.81 -19.85
CA GLN F 21 -14.71 55.01 -20.68
C GLN F 21 -13.54 55.87 -20.22
N TYR F 22 -12.68 55.33 -19.35
CA TYR F 22 -11.46 56.05 -19.00
C TYR F 22 -10.52 55.97 -20.19
N VAL F 23 -9.84 57.07 -20.46
CA VAL F 23 -8.93 57.18 -21.60
C VAL F 23 -7.52 57.38 -21.04
N PRO F 24 -6.55 56.55 -21.42
CA PRO F 24 -5.19 56.71 -20.89
C PRO F 24 -4.50 57.97 -21.41
N ALA F 25 -3.81 58.65 -20.48
CA ALA F 25 -3.13 59.90 -20.84
C ALA F 25 -1.99 59.68 -21.85
N ASP F 26 -1.24 58.59 -21.72
CA ASP F 26 -0.12 58.32 -22.62
C ASP F 26 -0.26 56.90 -23.16
N PRO F 27 -0.73 56.74 -24.41
CA PRO F 27 -0.91 55.40 -24.98
C PRO F 27 0.32 54.50 -24.91
N GLN F 28 1.51 55.05 -25.13
CA GLN F 28 2.69 54.19 -25.16
C GLN F 28 3.15 53.81 -23.75
N ARG F 29 2.97 54.70 -22.78
CA ARG F 29 3.21 54.31 -21.41
C ARG F 29 2.16 53.31 -20.95
N PHE F 30 0.91 53.54 -21.36
CA PHE F 30 -0.13 52.55 -21.09
C PHE F 30 0.24 51.19 -21.67
N ARG F 31 0.79 51.17 -22.90
CA ARG F 31 1.08 49.89 -23.52
C ARG F 31 2.32 49.24 -22.92
N GLU F 32 3.35 50.03 -22.59
CA GLU F 32 4.45 49.50 -21.80
C GLU F 32 3.96 48.99 -20.46
N LYS F 33 2.93 49.62 -19.89
CA LYS F 33 2.47 49.16 -18.57
C LYS F 33 1.84 47.77 -18.65
N ILE F 34 1.03 47.52 -19.68
CA ILE F 34 0.48 46.18 -19.88
C ILE F 34 1.56 45.16 -20.21
N LEU F 35 2.54 45.52 -21.06
CA LEU F 35 3.62 44.57 -21.31
C LEU F 35 4.37 44.24 -20.04
N ASP F 36 4.50 45.21 -19.14
CA ASP F 36 5.20 44.94 -17.90
C ASP F 36 4.34 44.15 -16.92
N LEU F 37 3.00 44.28 -17.00
CA LEU F 37 2.10 43.49 -16.16
C LEU F 37 1.99 42.05 -16.60
N LEU F 38 2.14 41.77 -17.91
CA LEU F 38 2.15 40.38 -18.39
C LEU F 38 3.46 39.66 -18.11
N ASN F 39 4.58 40.39 -18.05
CA ASN F 39 5.85 39.79 -17.61
C ASN F 39 5.84 39.48 -16.13
N ARG F 40 5.32 40.39 -15.31
CA ARG F 40 5.16 40.08 -13.89
C ARG F 40 4.14 38.97 -13.66
N PHE F 41 3.21 38.76 -14.59
CA PHE F 41 2.22 37.70 -14.41
C PHE F 41 2.87 36.32 -14.56
N GLU F 42 3.88 36.18 -15.46
CA GLU F 42 4.59 34.89 -15.59
C GLU F 42 5.52 34.63 -14.44
N GLN F 43 6.32 35.63 -14.03
CA GLN F 43 7.18 35.39 -12.87
C GLN F 43 6.38 34.92 -11.66
N GLN F 44 5.18 35.45 -11.47
CA GLN F 44 4.37 35.01 -10.33
C GLN F 44 3.66 33.68 -10.61
N ALA F 45 3.08 33.50 -11.79
CA ALA F 45 2.37 32.25 -12.05
C ALA F 45 3.34 31.08 -12.15
N LYS F 46 4.54 31.32 -12.71
CA LYS F 46 5.57 30.28 -12.73
C LYS F 46 6.08 29.97 -11.33
N LYS F 47 6.17 30.98 -10.44
CA LYS F 47 6.70 30.72 -9.10
C LYS F 47 5.66 29.99 -8.25
N LEU F 48 4.38 30.11 -8.61
CA LEU F 48 3.27 29.33 -8.07
C LEU F 48 3.02 28.04 -8.85
N GLN F 49 3.84 27.76 -9.87
CA GLN F 49 3.94 26.44 -10.47
C GLN F 49 2.77 26.07 -11.38
N PHE F 50 2.10 27.06 -11.95
CA PHE F 50 1.08 26.77 -12.95
C PHE F 50 1.73 26.22 -14.22
N SER F 51 0.98 25.44 -14.97
CA SER F 51 1.52 24.87 -16.19
C SER F 51 1.89 25.99 -17.17
N ALA F 52 2.86 25.70 -18.04
CA ALA F 52 3.24 26.65 -19.09
C ALA F 52 2.09 26.91 -20.05
N ASP F 53 1.25 25.92 -20.30
CA ASP F 53 0.11 26.14 -21.19
C ASP F 53 -0.96 26.98 -20.51
N ASP F 54 -1.14 26.83 -19.18
CA ASP F 54 -2.08 27.71 -18.47
C ASP F 54 -1.61 29.17 -18.51
N ILE F 55 -0.32 29.40 -18.26
CA ILE F 55 0.23 30.76 -18.33
C ILE F 55 0.15 31.28 -19.76
N HIS F 56 0.52 30.44 -20.73
CA HIS F 56 0.48 30.87 -22.13
C HIS F 56 -0.93 31.23 -22.56
N ASP F 57 -1.93 30.40 -22.20
CA ASP F 57 -3.30 30.64 -22.65
C ASP F 57 -3.98 31.76 -21.88
N ALA F 58 -3.60 31.99 -20.61
CA ALA F 58 -4.12 33.15 -19.88
C ALA F 58 -3.61 34.46 -20.47
N LYS F 59 -2.34 34.50 -20.82
CA LYS F 59 -1.80 35.67 -21.50
C LYS F 59 -2.50 35.90 -22.83
N TYR F 60 -2.83 34.81 -23.54
CA TYR F 60 -3.52 34.91 -24.83
C TYR F 60 -4.93 35.48 -24.66
N ALA F 61 -5.68 34.98 -23.68
CA ALA F 61 -7.01 35.50 -23.46
C ALA F 61 -6.98 36.97 -23.06
N PHE F 62 -6.03 37.36 -22.19
CA PHE F 62 -5.99 38.74 -21.76
C PHE F 62 -5.62 39.66 -22.91
N CYS F 63 -4.71 39.22 -23.79
CA CYS F 63 -4.32 40.03 -24.95
C CYS F 63 -5.44 40.12 -25.98
N ALA F 64 -6.17 39.03 -26.18
CA ALA F 64 -7.34 39.11 -27.05
C ALA F 64 -8.34 40.15 -26.54
N LEU F 65 -8.56 40.21 -25.20
CA LEU F 65 -9.56 41.09 -24.59
C LEU F 65 -9.13 42.56 -24.60
N ILE F 66 -7.87 42.84 -24.23
CA ILE F 66 -7.39 44.21 -24.22
C ILE F 66 -7.39 44.77 -25.64
N ASP F 67 -7.06 43.94 -26.65
CA ASP F 67 -7.05 44.42 -28.03
C ASP F 67 -8.44 44.71 -28.54
N GLU F 68 -9.40 43.81 -28.31
CA GLU F 68 -10.70 44.09 -28.90
C GLU F 68 -11.41 45.18 -28.13
N THR F 69 -11.18 45.26 -26.82
CA THR F 69 -11.75 46.34 -26.02
C THR F 69 -11.32 47.69 -26.58
N ILE F 70 -10.04 47.84 -26.87
CA ILE F 70 -9.55 49.15 -27.29
C ILE F 70 -10.07 49.48 -28.68
N VAL F 71 -9.99 48.52 -29.61
CA VAL F 71 -10.36 48.81 -30.99
C VAL F 71 -11.87 49.00 -31.11
N THR F 72 -12.65 48.48 -30.16
CA THR F 72 -14.11 48.58 -30.18
C THR F 72 -14.65 49.92 -29.71
N GLN F 73 -13.90 50.69 -28.96
CA GLN F 73 -14.42 51.94 -28.43
C GLN F 73 -14.82 52.85 -29.60
N GLN F 74 -16.03 53.42 -29.52
CA GLN F 74 -16.52 54.27 -30.59
C GLN F 74 -16.49 55.74 -30.25
N ASP F 75 -16.17 56.09 -29.02
CA ASP F 75 -16.20 57.49 -28.63
C ASP F 75 -14.92 58.17 -29.12
N PRO F 76 -15.04 59.39 -29.69
CA PRO F 76 -13.90 59.96 -30.43
C PRO F 76 -12.68 60.27 -29.57
N SER F 77 -12.84 60.40 -28.24
CA SER F 77 -11.68 60.63 -27.36
C SER F 77 -10.66 59.50 -27.46
N TYR F 78 -11.08 58.30 -27.83
CA TYR F 78 -10.15 57.17 -27.89
C TYR F 78 -9.31 57.15 -29.16
N PHE F 79 -9.49 58.12 -30.07
CA PHE F 79 -8.94 57.99 -31.41
C PHE F 79 -7.41 58.00 -31.38
N ASN F 80 -6.80 58.73 -30.45
CA ASN F 80 -5.34 58.65 -30.30
C ASN F 80 -4.89 57.36 -29.64
N LEU F 81 -5.69 56.75 -28.77
CA LEU F 81 -5.29 55.47 -28.19
C LEU F 81 -5.42 54.36 -29.22
N GLN F 82 -6.45 54.43 -30.06
CA GLN F 82 -6.64 53.44 -31.10
C GLN F 82 -5.56 53.53 -32.17
N ASN F 83 -5.15 54.74 -32.56
CA ASN F 83 -4.14 54.87 -33.62
C ASN F 83 -2.76 54.39 -33.18
N SER F 84 -2.43 54.58 -31.91
CA SER F 84 -1.17 54.11 -31.39
C SER F 84 -1.18 52.59 -31.19
N TRP F 85 -2.33 52.03 -30.82
CA TRP F 85 -2.42 50.60 -30.54
C TRP F 85 -2.39 49.77 -31.82
N LEU F 86 -3.05 50.25 -32.89
CA LEU F 86 -3.20 49.47 -34.12
C LEU F 86 -1.88 49.24 -34.83
N ILE F 87 -0.85 50.03 -34.50
CA ILE F 87 0.49 49.83 -35.06
C ILE F 87 0.96 48.39 -34.87
N SER F 88 0.75 47.86 -33.63
CA SER F 88 1.02 46.46 -33.33
C SER F 88 0.07 46.09 -32.17
N PRO F 89 -1.10 45.54 -32.46
CA PRO F 89 -1.95 45.07 -31.37
C PRO F 89 -1.24 43.92 -30.68
N LEU F 90 -1.47 43.78 -29.37
CA LEU F 90 -0.65 42.84 -28.61
C LEU F 90 -0.93 41.40 -29.04
N GLN F 91 -2.06 41.16 -29.67
CA GLN F 91 -2.32 39.82 -30.18
C GLN F 91 -1.29 39.45 -31.22
N LEU F 92 -0.87 40.43 -32.04
CA LEU F 92 0.09 40.19 -33.10
C LEU F 92 1.54 40.42 -32.67
N SER F 93 1.77 41.37 -31.76
CA SER F 93 3.13 41.63 -31.30
C SER F 93 3.64 40.46 -30.47
N LEU F 94 2.79 39.89 -29.61
CA LEU F 94 3.23 38.84 -28.70
C LEU F 94 2.96 37.43 -29.21
N PHE F 95 1.98 37.23 -30.09
CA PHE F 95 1.67 35.90 -30.63
C PHE F 95 1.69 35.84 -32.16
N GLY F 96 1.95 36.94 -32.85
CA GLY F 96 1.94 36.92 -34.31
C GLY F 96 0.63 36.48 -34.91
N SER F 97 -0.49 36.70 -34.22
CA SER F 97 -1.76 36.12 -34.60
C SER F 97 -2.82 37.18 -34.92
N GLN F 98 -3.67 36.86 -35.90
CA GLN F 98 -4.87 37.63 -36.17
C GLN F 98 -6.15 36.80 -36.14
N LEU F 99 -6.14 35.61 -35.55
CA LEU F 99 -7.30 34.72 -35.56
C LEU F 99 -7.97 34.57 -34.19
N ALA F 100 -7.67 35.46 -33.23
CA ALA F 100 -8.16 35.26 -31.87
C ALA F 100 -9.69 35.24 -31.79
N GLY F 101 -10.38 36.00 -32.65
CA GLY F 101 -11.85 35.97 -32.65
C GLY F 101 -12.42 34.58 -32.79
N TYR F 102 -11.71 33.71 -33.52
CA TYR F 102 -11.99 32.29 -33.68
C TYR F 102 -11.17 31.39 -32.77
N GLN F 103 -9.90 31.67 -32.57
CA GLN F 103 -9.07 30.71 -31.86
C GLN F 103 -9.24 30.78 -30.35
N PHE F 104 -9.61 31.94 -29.82
CA PHE F 104 -9.96 32.03 -28.39
C PHE F 104 -11.06 31.04 -28.05
N PHE F 105 -12.00 30.82 -28.98
CA PHE F 105 -13.09 29.89 -28.72
C PHE F 105 -12.71 28.44 -28.98
N GLU F 106 -11.77 28.18 -29.91
CA GLU F 106 -11.18 26.84 -30.06
C GLU F 106 -10.43 26.43 -28.79
N ILE F 107 -9.62 27.34 -28.24
CA ILE F 107 -8.96 27.04 -26.97
C ILE F 107 -9.97 26.85 -25.86
N LEU F 108 -11.04 27.64 -25.84
CA LEU F 108 -12.01 27.52 -24.74
C LEU F 108 -12.70 26.15 -24.77
N GLU F 109 -12.97 25.62 -25.95
CA GLU F 109 -13.54 24.28 -26.03
C GLU F 109 -12.53 23.24 -25.57
N GLN F 110 -11.25 23.41 -25.97
CA GLN F 110 -10.18 22.54 -25.49
C GLN F 110 -10.05 22.56 -23.97
N LEU F 111 -10.27 23.71 -23.33
CA LEU F 111 -10.22 23.76 -21.86
C LEU F 111 -11.48 23.20 -21.20
N ARG F 112 -12.66 23.39 -21.81
CA ARG F 112 -13.89 22.80 -21.25
C ARG F 112 -13.79 21.29 -21.19
N SER F 113 -13.21 20.67 -22.23
CA SER F 113 -13.10 19.20 -22.29
C SER F 113 -12.16 18.66 -21.24
N ARG F 114 -11.09 19.38 -20.92
CA ARG F 114 -10.11 18.95 -19.94
C ARG F 114 -10.59 19.10 -18.49
N GLY F 115 -11.73 19.76 -18.27
CA GLY F 115 -12.41 19.77 -16.98
C GLY F 115 -11.67 20.46 -15.86
N LYS F 116 -11.28 19.68 -14.84
CA LYS F 116 -10.64 20.21 -13.64
C LYS F 116 -9.13 20.30 -13.77
N GLU F 117 -8.59 19.87 -14.91
CA GLU F 117 -7.15 19.80 -15.14
C GLU F 117 -6.59 21.11 -15.70
N ARG F 118 -7.43 21.87 -16.41
CA ARG F 118 -7.12 23.19 -16.92
C ARG F 118 -8.14 24.23 -16.45
N LEU F 119 -8.71 24.03 -15.24
CA LEU F 119 -9.78 24.93 -14.78
C LEU F 119 -9.25 26.31 -14.42
N ALA F 120 -7.99 26.41 -14.01
CA ALA F 120 -7.44 27.73 -13.72
C ALA F 120 -7.42 28.58 -14.99
N ALA F 121 -6.88 28.03 -16.09
CA ALA F 121 -6.92 28.75 -17.36
C ALA F 121 -8.35 28.96 -17.83
N LEU F 122 -9.26 28.02 -17.51
CA LEU F 122 -10.63 28.11 -18.00
C LEU F 122 -11.40 29.21 -17.29
N GLU F 123 -11.11 29.43 -16.00
CA GLU F 123 -11.76 30.53 -15.30
C GLU F 123 -11.39 31.87 -15.93
N VAL F 124 -10.16 32.00 -16.45
CA VAL F 124 -9.74 33.25 -17.11
C VAL F 124 -10.57 33.50 -18.36
N PHE F 125 -10.76 32.46 -19.18
CA PHE F 125 -11.52 32.58 -20.43
C PHE F 125 -13.00 32.91 -20.16
N HIS F 126 -13.55 32.38 -19.06
CA HIS F 126 -14.89 32.79 -18.62
C HIS F 126 -14.89 34.27 -18.21
N TYR F 127 -13.86 34.69 -17.47
CA TYR F 127 -13.80 36.05 -16.97
C TYR F 127 -13.61 37.07 -18.09
N CYS F 128 -12.85 36.71 -19.13
CA CYS F 128 -12.75 37.56 -20.32
C CYS F 128 -14.09 37.69 -21.05
N LEU F 129 -14.88 36.61 -21.07
CA LEU F 129 -16.18 36.70 -21.71
C LEU F 129 -17.12 37.60 -20.91
N LEU F 130 -17.02 37.60 -19.57
CA LEU F 130 -17.84 38.54 -18.80
C LEU F 130 -17.38 39.99 -18.97
N LEU F 131 -16.12 40.23 -19.32
CA LEU F 131 -15.60 41.58 -19.54
C LEU F 131 -15.74 42.02 -20.99
N GLY F 132 -16.57 41.33 -21.77
CA GLY F 132 -17.00 41.87 -23.03
C GLY F 132 -16.37 41.25 -24.25
N PHE F 133 -15.55 40.20 -24.10
CA PHE F 133 -14.94 39.62 -25.29
C PHE F 133 -15.99 38.92 -26.13
N GLN F 134 -16.09 39.31 -27.41
CA GLN F 134 -17.06 38.74 -28.32
C GLN F 134 -16.42 37.92 -29.42
N GLY F 135 -15.29 38.37 -29.94
CA GLY F 135 -14.61 37.63 -30.99
C GLY F 135 -15.52 37.43 -32.19
N LYS F 136 -15.61 36.18 -32.66
CA LYS F 136 -16.41 35.88 -33.85
C LYS F 136 -17.90 36.08 -33.63
N TYR F 137 -18.35 36.14 -32.37
CA TYR F 137 -19.75 36.34 -32.03
C TYR F 137 -20.23 37.78 -32.22
N ARG F 138 -19.37 38.72 -32.60
CA ARG F 138 -19.87 40.05 -32.91
C ARG F 138 -20.66 40.06 -34.23
N ILE F 139 -20.47 39.03 -35.05
CA ILE F 139 -21.28 38.83 -36.26
C ILE F 139 -22.49 37.94 -35.99
N GLU F 140 -22.31 36.86 -35.22
CA GLU F 140 -23.42 36.00 -34.84
C GLU F 140 -24.23 36.64 -33.71
N SER F 141 -25.29 35.95 -33.27
CA SER F 141 -26.28 36.58 -32.42
C SER F 141 -25.69 36.94 -31.06
N ILE F 142 -26.48 37.67 -30.27
CA ILE F 142 -26.07 37.97 -28.90
C ILE F 142 -26.45 36.83 -27.97
N GLU F 143 -27.60 36.19 -28.20
CA GLU F 143 -27.98 35.05 -27.37
C GLU F 143 -26.95 33.94 -27.48
N SER F 144 -26.37 33.77 -28.66
CA SER F 144 -25.40 32.68 -28.81
C SER F 144 -24.27 32.86 -27.82
N LEU F 145 -23.83 34.09 -27.63
CA LEU F 145 -22.68 34.28 -26.76
C LEU F 145 -23.09 34.32 -25.30
N ASN F 146 -24.28 34.88 -25.00
CA ASN F 146 -24.78 34.88 -23.63
C ASN F 146 -25.01 33.47 -23.11
N HIS F 147 -25.56 32.58 -23.95
CA HIS F 147 -25.74 31.19 -23.53
C HIS F 147 -24.38 30.53 -23.32
N LEU F 148 -23.41 30.83 -24.17
CA LEU F 148 -22.09 30.22 -24.02
C LEU F 148 -21.42 30.65 -22.72
N VAL F 149 -21.50 31.93 -22.38
CA VAL F 149 -20.88 32.41 -21.14
C VAL F 149 -21.55 31.81 -19.91
N ALA F 150 -22.89 31.70 -19.93
CA ALA F 150 -23.64 31.14 -18.81
C ALA F 150 -23.29 29.68 -18.57
N ARG F 151 -23.08 28.91 -19.64
CA ARG F 151 -22.80 27.46 -19.52
C ARG F 151 -21.37 27.17 -19.15
N VAL F 152 -20.43 27.97 -19.62
CA VAL F 152 -19.11 27.83 -19.08
C VAL F 152 -19.14 28.17 -17.60
N GLY F 153 -19.99 29.14 -17.22
CA GLY F 153 -20.14 29.48 -15.80
C GLY F 153 -20.68 28.34 -14.97
N ASP F 154 -21.70 27.63 -15.48
CA ASP F 154 -22.26 26.49 -14.78
C ASP F 154 -21.28 25.33 -14.73
N GLU F 155 -20.53 25.11 -15.81
CA GLU F 155 -19.53 24.03 -15.80
C GLU F 155 -18.42 24.33 -14.80
N ILE F 156 -18.02 25.60 -14.70
CA ILE F 156 -17.03 25.98 -13.68
C ILE F 156 -17.62 25.76 -12.29
N ASP F 157 -18.86 26.18 -12.08
CA ASP F 157 -19.49 25.89 -10.79
C ASP F 157 -19.60 24.39 -10.57
N TYR F 158 -19.85 23.62 -11.64
CA TYR F 158 -19.97 22.18 -11.47
C TYR F 158 -18.63 21.55 -11.09
N LEU F 159 -17.53 22.04 -11.68
CA LEU F 159 -16.21 21.49 -11.41
C LEU F 159 -15.63 21.91 -10.06
N LYS F 160 -16.22 22.89 -9.39
CA LYS F 160 -15.69 23.28 -8.09
C LYS F 160 -16.40 22.58 -6.93
N GLY F 161 -17.72 22.44 -6.97
CA GLY F 161 -18.43 21.72 -5.92
C GLY F 161 -19.90 22.06 -5.77
#